data_9KPS
#
_entry.id   9KPS
#
_cell.length_a   1.00
_cell.length_b   1.00
_cell.length_c   1.00
_cell.angle_alpha   90.00
_cell.angle_beta   90.00
_cell.angle_gamma   90.00
#
_symmetry.space_group_name_H-M   'P 1'
#
loop_
_entity.id
_entity.type
_entity.pdbx_description
1 polymer 'Succinate dehydrogenase [ubiquinone] flavoprotein subunit, mitochondrial'
2 polymer 'Succinate dehydrogenase [ubiquinone] iron-sulfur subunit, mitochondrial'
3 polymer Sdh3p
4 polymer 'Succinate dehydrogenase [ubiquinone] cytochrome b small subunit, mitochondrial'
5 non-polymer 'FLAVIN-ADENINE DINUCLEOTIDE'
6 non-polymer 'FE2/S2 (INORGANIC) CLUSTER'
7 non-polymer 'IRON/SULFUR CLUSTER'
8 non-polymer 'FE3-S4 CLUSTER'
9 non-polymer 1,2-dioleoyl-sn-glycero-3-phosphoethanolamine
#
loop_
_entity_poly.entity_id
_entity_poly.type
_entity_poly.pdbx_seq_one_letter_code
_entity_poly.pdbx_strand_id
1 'polypeptide(L)'
;KYHIIDHEYDCVVIGAGGAGLRAAFGLAEAGYKTACISKLFPTRSHTVAAQGGINAALGNMHKDNWKWHMYDTVKGSDWL
GDQDSIHYMTREAPKSIIELEHYGVPFSRTENGKIYQRAFGGQTKEYGKGAQAYRTCAVADRTGHALLHTLYGQALRHDT
HFFIEYFALDLLTHNGEVVGVIAYNQEDGTIHRFRAHKTIIATGGYGRAYFSCTSAHTCTGDGNAMVSRAGFPLQDLEFV
QFHPSGIYGSGCLITEGARGEGGFLVNSEGERFMERYAPTAKDLACRDVVSRAITMEIREGRGVGKKKDHMYLQLSHLPP
EVLKERLPGISETAAIFAGVDVTKEPIPIIPTVHYNMGGIPTKWNGEALTIDEETGEDKVIPGLMACGEAACVSVHGANR
LGANSLLDLVVFGRAVAHTVADTLQPGLPHKPLPSDLGKESIANLDKLRNANGSRSTAEIRMNMKQTMQKDVSVFRTQSS
LDEGVRNITAVEKTFDDVKTTDRSMIWNSDLVETLELQNLLTCASQTAVSAANRKESRGAHAREDYPNRDDEHWMKHTLS
WQKDVAAPVTLKYRRVIDHTLDEKECPSVPPTV
;
A
2 'polypeptide(L)'
;THTPRLKTFKVYRWNPDEPSAKPHLQSYQVDLNDCGPMVLDALLKIKDEQDSTLTFRRSCREGICGSCAMNIGGRNTLAC
ICKIDQNESKQLKIYPLPHMFIVKDLVPDLTNFYQQYKSIQPYLQRSSFPKDGTEVLQSIEDRKKLDGLYECILCACCST
SCPSYWWNQEQYLGPAVLMQAYRWLIDSRDQATKTRKAMLNNSMSLYRCHTIMNCTRTCPKGLNPGLAIAEIKKSLAF
;
B
3 'polypeptide(L)'
;EMNTKAAIAEEQILNKQRARRPISPHLTIYQPQLTWYLSSFHRISLVLMGLGFYLFTILFGVSGLLGLGLTTEKVSNWYH
QKFSKITEWSIKGSFAYLFAIHYGGAIRHLIWDTAKELTLKGVYRTGYALIGFTAVLGTYLLTL
;
C
4 'polypeptide(L)'
;IPFLPVLPQKPGGVRGTPNDAYVPPPENKLEGSYHWYMEKIFALSVVPLATTAMLTTGPLSTAADSFFSVMLLGYCYMEF
NSCITDYISGRVYGVWHKYAMYMLGLGSAVSLFGIYKLETENDGVVGLVKSLWD
;
D
#
loop_
_chem_comp.id
_chem_comp.type
_chem_comp.name
_chem_comp.formula
F3S non-polymer 'FE3-S4 CLUSTER' 'Fe3 S4'
FAD non-polymer 'FLAVIN-ADENINE DINUCLEOTIDE' 'C27 H33 N9 O15 P2'
FES non-polymer 'FE2/S2 (INORGANIC) CLUSTER' 'Fe2 S2'
PEE non-polymer 1,2-dioleoyl-sn-glycero-3-phosphoethanolamine 'C41 H78 N O8 P'
SF4 non-polymer 'IRON/SULFUR CLUSTER' 'Fe4 S4'
#
# COMPACT_ATOMS: atom_id res chain seq x y z
N LYS A 1 23.01 16.50 -23.45
CA LYS A 1 21.55 16.37 -23.49
C LYS A 1 20.98 16.09 -22.10
N TYR A 2 21.67 15.27 -21.33
CA TYR A 2 21.14 14.79 -20.06
C TYR A 2 21.70 15.59 -18.89
N HIS A 3 20.86 15.81 -17.89
CA HIS A 3 21.25 16.44 -16.64
C HIS A 3 21.90 15.40 -15.74
N ILE A 4 23.16 15.60 -15.38
CA ILE A 4 23.84 14.70 -14.46
C ILE A 4 23.98 15.41 -13.13
N ILE A 5 23.39 14.83 -12.09
CA ILE A 5 23.37 15.40 -10.75
C ILE A 5 24.14 14.49 -9.82
N ASP A 6 25.13 15.02 -9.11
CA ASP A 6 25.99 14.19 -8.29
C ASP A 6 25.61 14.27 -6.83
N HIS A 7 25.82 13.16 -6.11
CA HIS A 7 25.60 13.07 -4.67
C HIS A 7 26.83 12.47 -4.03
N GLU A 8 26.86 12.40 -2.70
CA GLU A 8 28.05 11.95 -2.01
C GLU A 8 27.66 11.42 -0.62
N TYR A 9 27.53 10.10 -0.50
CA TYR A 9 27.05 9.51 0.74
C TYR A 9 28.07 8.55 1.31
N ASP A 10 27.70 7.83 2.36
CA ASP A 10 28.59 6.85 2.98
C ASP A 10 28.21 5.41 2.69
N CYS A 11 26.93 5.06 2.73
CA CYS A 11 26.48 3.72 2.35
C CYS A 11 25.13 3.85 1.66
N VAL A 12 25.07 3.66 0.36
CA VAL A 12 23.76 3.71 -0.30
C VAL A 12 23.20 2.30 -0.35
N VAL A 13 21.88 2.20 -0.21
CA VAL A 13 21.16 0.93 -0.23
C VAL A 13 20.23 0.97 -1.41
N ILE A 14 20.15 -0.12 -2.16
CA ILE A 14 19.28 -0.20 -3.32
C ILE A 14 18.11 -1.09 -2.96
N GLY A 15 16.92 -0.56 -3.02
CA GLY A 15 15.80 -1.42 -2.69
C GLY A 15 15.34 -1.14 -1.28
N ALA A 16 14.04 -1.04 -1.11
CA ALA A 16 13.44 -0.68 0.16
C ALA A 16 12.41 -1.71 0.57
N GLY A 17 12.78 -2.97 0.49
CA GLY A 17 11.86 -4.03 0.82
C GLY A 17 11.91 -4.38 2.28
N GLY A 18 11.81 -5.65 2.60
CA GLY A 18 11.91 -6.04 3.98
C GLY A 18 13.35 -6.14 4.38
N ALA A 19 14.23 -6.36 3.41
CA ALA A 19 15.64 -6.59 3.69
C ALA A 19 16.51 -5.39 3.42
N GLY A 20 16.09 -4.49 2.54
CA GLY A 20 16.79 -3.23 2.39
C GLY A 20 16.44 -2.21 3.43
N LEU A 21 15.29 -2.33 4.07
CA LEU A 21 14.91 -1.37 5.09
C LEU A 21 15.56 -1.69 6.42
N ARG A 22 15.74 -2.98 6.73
CA ARG A 22 16.35 -3.36 8.00
C ARG A 22 17.82 -3.01 8.03
N ALA A 23 18.48 -3.02 6.88
CA ALA A 23 19.87 -2.63 6.79
C ALA A 23 20.03 -1.17 6.44
N ALA A 24 18.96 -0.37 6.53
CA ALA A 24 19.06 1.06 6.29
C ALA A 24 18.68 1.90 7.47
N PHE A 25 18.25 1.30 8.57
CA PHE A 25 18.28 2.02 9.82
C PHE A 25 19.13 1.35 10.88
N GLY A 26 19.75 0.21 10.58
CA GLY A 26 20.86 -0.22 11.38
C GLY A 26 22.12 0.53 11.00
N LEU A 27 22.13 1.08 9.78
CA LEU A 27 23.25 1.88 9.33
C LEU A 27 23.13 3.33 9.77
N ALA A 28 21.92 3.88 9.81
CA ALA A 28 21.73 5.26 10.23
C ALA A 28 21.62 5.41 11.75
N GLU A 29 21.66 4.30 12.48
CA GLU A 29 21.69 4.31 13.93
C GLU A 29 23.12 4.21 14.46
N ALA A 30 24.10 4.54 13.63
CA ALA A 30 25.48 4.47 14.04
C ALA A 30 26.29 5.68 13.60
N GLY A 31 25.68 6.63 12.91
CA GLY A 31 26.37 7.81 12.47
C GLY A 31 26.75 7.85 11.01
N TYR A 32 26.08 7.06 10.18
CA TYR A 32 26.40 7.01 8.77
C TYR A 32 25.35 7.76 7.97
N LYS A 33 25.73 8.23 6.79
CA LYS A 33 24.83 8.99 5.93
C LYS A 33 24.21 8.03 4.92
N THR A 34 23.24 7.26 5.38
CA THR A 34 22.62 6.23 4.56
C THR A 34 21.69 6.89 3.56
N ALA A 35 21.43 6.19 2.44
CA ALA A 35 20.45 6.63 1.46
C ALA A 35 19.83 5.40 0.85
N CYS A 36 18.52 5.36 0.71
CA CYS A 36 17.82 4.19 0.22
C CYS A 36 17.13 4.53 -1.10
N ILE A 37 17.55 3.89 -2.19
CA ILE A 37 16.97 4.11 -3.50
C ILE A 37 15.96 3.03 -3.79
N SER A 38 14.74 3.42 -4.15
CA SER A 38 13.70 2.46 -4.42
C SER A 38 12.92 2.84 -5.66
N LYS A 39 12.31 1.85 -6.29
CA LYS A 39 11.52 2.08 -7.49
C LYS A 39 10.05 2.28 -7.15
N LEU A 40 9.57 1.58 -6.14
CA LEU A 40 8.23 1.73 -5.60
C LEU A 40 8.33 2.45 -4.26
N PHE A 41 7.21 2.93 -3.78
CA PHE A 41 7.13 3.38 -2.41
C PHE A 41 7.41 2.20 -1.49
N PRO A 42 8.11 2.39 -0.37
CA PRO A 42 8.62 1.25 0.40
C PRO A 42 7.59 0.34 0.99
N THR A 43 6.31 0.69 0.98
CA THR A 43 5.26 -0.21 1.45
C THR A 43 4.40 -0.73 0.31
N ARG A 44 4.99 -0.90 -0.88
CA ARG A 44 4.33 -1.47 -2.04
C ARG A 44 5.14 -2.60 -2.63
N SER A 45 6.04 -3.20 -1.87
CA SER A 45 7.04 -4.13 -2.37
C SER A 45 6.43 -5.52 -2.54
N HIS A 46 7.25 -6.55 -2.65
CA HIS A 46 6.71 -7.90 -2.68
C HIS A 46 6.67 -8.56 -1.32
N THR A 47 7.41 -8.06 -0.35
CA THR A 47 7.23 -8.59 0.99
C THR A 47 6.02 -8.03 1.69
N VAL A 48 5.12 -7.33 0.98
CA VAL A 48 3.82 -7.00 1.52
C VAL A 48 2.84 -8.15 1.29
N ALA A 49 3.22 -9.13 0.49
CA ALA A 49 2.35 -10.24 0.14
C ALA A 49 2.64 -11.51 0.89
N ALA A 50 3.62 -11.51 1.79
CA ALA A 50 3.93 -12.71 2.55
C ALA A 50 2.87 -12.93 3.62
N GLN A 51 2.50 -14.20 3.83
CA GLN A 51 1.37 -14.48 4.71
C GLN A 51 1.57 -15.73 5.53
N GLY A 52 2.78 -16.03 5.96
CA GLY A 52 3.02 -17.24 6.69
C GLY A 52 3.42 -17.02 8.12
N GLY A 53 4.72 -17.04 8.39
CA GLY A 53 5.22 -16.71 9.70
C GLY A 53 6.72 -16.65 9.65
N ILE A 54 7.32 -16.31 10.79
CA ILE A 54 8.77 -16.22 10.89
C ILE A 54 9.23 -17.28 11.87
N ASN A 55 10.03 -18.23 11.39
CA ASN A 55 10.52 -19.30 12.25
C ASN A 55 11.48 -18.77 13.29
N ALA A 56 11.23 -19.09 14.56
CA ALA A 56 12.13 -18.72 15.64
C ALA A 56 11.88 -19.69 16.78
N ALA A 57 12.96 -20.13 17.42
CA ALA A 57 12.88 -21.10 18.51
C ALA A 57 12.68 -20.37 19.83
N LEU A 58 11.51 -19.74 19.96
CA LEU A 58 11.17 -19.07 21.21
C LEU A 58 10.74 -20.07 22.26
N GLY A 59 9.87 -21.01 21.89
CA GLY A 59 9.43 -22.03 22.81
C GLY A 59 8.45 -21.53 23.84
N ASN A 60 7.46 -20.75 23.43
CA ASN A 60 6.38 -20.35 24.32
C ASN A 60 5.10 -21.10 24.03
N MET A 61 5.19 -22.23 23.37
CA MET A 61 4.08 -23.18 23.28
C MET A 61 4.47 -24.58 23.68
N HIS A 62 5.74 -24.95 23.53
CA HIS A 62 6.28 -26.14 24.17
C HIS A 62 7.73 -25.90 24.54
N LYS A 63 8.48 -26.96 24.78
CA LYS A 63 9.94 -26.87 24.91
C LYS A 63 10.54 -26.73 23.52
N ASP A 64 11.59 -25.92 23.40
CA ASP A 64 12.26 -25.79 22.13
C ASP A 64 13.72 -25.44 22.35
N ASN A 65 14.53 -25.77 21.36
CA ASN A 65 15.96 -25.55 21.38
C ASN A 65 16.38 -25.27 19.95
N TRP A 66 17.28 -24.30 19.76
CA TRP A 66 17.57 -23.85 18.42
C TRP A 66 18.49 -24.82 17.68
N LYS A 67 19.12 -25.74 18.41
CA LYS A 67 19.98 -26.74 17.80
C LYS A 67 19.16 -27.70 16.95
N TRP A 68 17.89 -27.89 17.28
CA TRP A 68 17.03 -28.70 16.44
C TRP A 68 16.54 -27.93 15.22
N HIS A 69 16.39 -26.61 15.35
CA HIS A 69 16.03 -25.77 14.21
C HIS A 69 17.16 -25.70 13.19
N MET A 70 18.40 -25.88 13.65
CA MET A 70 19.52 -25.98 12.72
C MET A 70 19.48 -27.27 11.93
N TYR A 71 18.98 -28.37 12.52
CA TYR A 71 19.01 -29.65 11.82
C TYR A 71 17.98 -29.69 10.70
N ASP A 72 16.80 -29.10 10.91
CA ASP A 72 15.79 -29.15 9.87
C ASP A 72 16.10 -28.22 8.72
N THR A 73 16.91 -27.19 8.94
CA THR A 73 17.31 -26.30 7.86
C THR A 73 18.36 -26.95 6.98
N VAL A 74 19.25 -27.76 7.56
CA VAL A 74 20.31 -28.36 6.77
C VAL A 74 19.81 -29.64 6.10
N LYS A 75 18.89 -30.37 6.72
CA LYS A 75 18.28 -31.53 6.07
C LYS A 75 17.37 -31.09 4.94
N GLY A 76 16.68 -29.97 5.11
CA GLY A 76 15.77 -29.43 4.12
C GLY A 76 16.42 -28.81 2.92
N SER A 77 17.75 -28.75 2.89
CA SER A 77 18.49 -28.24 1.75
C SER A 77 19.17 -29.33 0.95
N ASP A 78 19.08 -30.58 1.40
CA ASP A 78 19.79 -31.74 0.83
C ASP A 78 21.29 -31.50 0.76
N TRP A 79 21.82 -30.88 1.82
CA TRP A 79 23.25 -30.72 2.07
C TRP A 79 23.95 -29.93 0.98
N LEU A 80 23.35 -28.82 0.57
CA LEU A 80 24.04 -27.85 -0.27
C LEU A 80 24.18 -26.50 0.41
N GLY A 81 23.58 -26.31 1.58
CA GLY A 81 23.73 -25.08 2.28
C GLY A 81 25.07 -24.96 2.98
N ASP A 82 25.57 -23.73 3.07
CA ASP A 82 26.78 -23.47 3.84
C ASP A 82 26.46 -23.64 5.31
N GLN A 83 27.10 -24.59 5.96
CA GLN A 83 26.72 -24.94 7.32
C GLN A 83 27.25 -23.99 8.38
N ASP A 84 27.97 -22.94 8.03
CA ASP A 84 28.25 -21.94 9.04
C ASP A 84 27.25 -20.79 9.02
N SER A 85 26.51 -20.62 7.94
CA SER A 85 25.44 -19.64 7.92
C SER A 85 24.18 -20.17 8.58
N ILE A 86 23.97 -21.49 8.56
CA ILE A 86 22.87 -22.08 9.31
C ILE A 86 23.10 -21.93 10.80
N HIS A 87 24.35 -21.97 11.24
CA HIS A 87 24.64 -21.78 12.66
C HIS A 87 24.41 -20.35 13.08
N TYR A 88 24.62 -19.39 12.19
CA TYR A 88 24.46 -18.00 12.55
C TYR A 88 23.00 -17.57 12.50
N MET A 89 22.29 -17.96 11.45
CA MET A 89 20.91 -17.52 11.26
C MET A 89 19.97 -18.12 12.29
N THR A 90 20.32 -19.26 12.85
CA THR A 90 19.44 -19.92 13.80
C THR A 90 19.76 -19.53 15.23
N ARG A 91 21.00 -19.15 15.51
CA ARG A 91 21.37 -18.70 16.85
C ARG A 91 20.78 -17.34 17.15
N GLU A 92 20.89 -16.39 16.22
CA GLU A 92 20.41 -15.04 16.43
C GLU A 92 18.96 -14.88 16.03
N ALA A 93 18.18 -15.94 16.01
CA ALA A 93 16.77 -15.88 15.66
C ALA A 93 15.82 -15.59 16.82
N PRO A 94 16.02 -16.05 18.07
CA PRO A 94 15.16 -15.53 19.13
C PRO A 94 15.43 -14.07 19.46
N LYS A 95 16.66 -13.60 19.30
CA LYS A 95 16.95 -12.20 19.60
C LYS A 95 16.33 -11.27 18.57
N SER A 96 16.34 -11.66 17.31
CA SER A 96 15.87 -10.81 16.22
C SER A 96 14.39 -11.00 15.92
N ILE A 97 13.63 -11.54 16.86
CA ILE A 97 12.17 -11.54 16.79
C ILE A 97 11.57 -10.81 17.98
N ILE A 98 12.11 -11.02 19.16
CA ILE A 98 11.77 -10.21 20.33
C ILE A 98 12.13 -8.75 20.11
N GLU A 99 13.22 -8.50 19.38
CA GLU A 99 13.55 -7.14 18.97
C GLU A 99 12.52 -6.59 17.99
N LEU A 100 11.89 -7.47 17.21
CA LEU A 100 10.88 -7.06 16.25
C LEU A 100 9.54 -6.81 16.87
N GLU A 101 9.37 -7.12 18.14
CA GLU A 101 8.17 -6.76 18.87
C GLU A 101 8.33 -5.45 19.62
N HIS A 102 9.56 -5.07 19.97
CA HIS A 102 9.83 -3.78 20.56
C HIS A 102 9.83 -2.66 19.53
N TYR A 103 9.69 -2.99 18.25
CA TYR A 103 9.39 -2.01 17.22
C TYR A 103 7.90 -1.82 17.03
N GLY A 104 7.11 -2.76 17.51
CA GLY A 104 5.68 -2.60 17.54
C GLY A 104 4.92 -3.43 16.53
N VAL A 105 5.39 -4.62 16.19
CA VAL A 105 4.66 -5.46 15.24
C VAL A 105 3.48 -6.10 15.97
N PRO A 106 2.26 -5.98 15.47
CA PRO A 106 1.11 -6.53 16.22
C PRO A 106 1.00 -8.05 16.14
N PHE A 107 1.86 -8.74 16.87
CA PHE A 107 1.90 -10.19 16.83
C PHE A 107 0.66 -10.77 17.50
N SER A 108 0.15 -11.88 16.96
CA SER A 108 -1.03 -12.51 17.52
C SER A 108 -0.68 -13.08 18.89
N ARG A 109 -1.51 -12.79 19.87
CA ARG A 109 -1.19 -13.16 21.24
C ARG A 109 -1.88 -14.45 21.65
N THR A 110 -1.45 -14.99 22.77
CA THR A 110 -2.04 -16.19 23.34
C THR A 110 -2.65 -15.85 24.70
N GLU A 111 -3.25 -16.86 25.34
CA GLU A 111 -3.91 -16.67 26.62
C GLU A 111 -2.92 -16.39 27.75
N ASN A 112 -1.64 -16.71 27.55
CA ASN A 112 -0.61 -16.35 28.51
C ASN A 112 -0.29 -14.87 28.41
N GLY A 113 -0.25 -14.33 27.20
CA GLY A 113 0.14 -12.95 27.00
C GLY A 113 1.42 -12.86 26.19
N LYS A 114 1.75 -13.93 25.50
CA LYS A 114 2.95 -14.04 24.70
C LYS A 114 2.58 -14.34 23.25
N ILE A 115 3.58 -14.58 22.43
CA ILE A 115 3.41 -14.60 20.97
C ILE A 115 2.97 -15.99 20.54
N TYR A 116 1.98 -16.05 19.65
CA TYR A 116 1.34 -17.29 19.25
C TYR A 116 2.09 -17.92 18.08
N GLN A 117 2.35 -19.22 18.16
CA GLN A 117 3.12 -19.93 17.15
C GLN A 117 2.32 -21.10 16.60
N ARG A 118 2.10 -21.13 15.29
CA ARG A 118 1.36 -22.22 14.67
C ARG A 118 2.30 -23.35 14.29
N ALA A 119 1.85 -24.30 13.47
CA ALA A 119 2.71 -25.42 13.07
C ALA A 119 2.80 -25.43 11.55
N PHE A 120 3.99 -25.23 11.02
CA PHE A 120 4.18 -25.05 9.58
C PHE A 120 4.65 -26.37 8.98
N GLY A 121 5.22 -26.41 7.78
CA GLY A 121 5.57 -27.68 7.20
C GLY A 121 7.05 -27.91 7.01
N GLY A 122 7.57 -28.97 7.65
CA GLY A 122 8.94 -29.42 7.45
C GLY A 122 9.73 -29.55 8.73
N GLN A 123 9.28 -28.91 9.81
CA GLN A 123 10.03 -28.86 11.05
C GLN A 123 9.48 -29.89 12.03
N THR A 124 10.34 -30.79 12.48
CA THR A 124 10.01 -31.70 13.56
C THR A 124 11.12 -31.63 14.61
N LYS A 125 10.73 -31.84 15.85
CA LYS A 125 11.67 -31.65 16.95
C LYS A 125 12.42 -32.94 17.25
N GLU A 126 13.43 -32.81 18.12
CA GLU A 126 14.35 -33.88 18.52
C GLU A 126 15.07 -34.51 17.32
N TYR A 127 15.75 -33.63 16.56
CA TYR A 127 16.77 -33.99 15.57
C TYR A 127 16.22 -34.85 14.44
N GLY A 128 15.04 -34.50 13.94
CA GLY A 128 14.43 -35.24 12.85
C GLY A 128 13.76 -36.54 13.26
N LYS A 129 13.82 -36.91 14.54
CA LYS A 129 13.17 -38.12 15.04
C LYS A 129 12.31 -37.70 16.22
N GLY A 130 11.08 -37.28 15.93
CA GLY A 130 10.20 -36.85 17.01
C GLY A 130 8.94 -36.21 16.46
N ALA A 131 8.22 -35.56 17.38
CA ALA A 131 6.92 -34.98 17.06
C ALA A 131 7.11 -33.72 16.22
N GLN A 132 6.00 -33.23 15.68
CA GLN A 132 6.04 -31.99 14.92
C GLN A 132 6.21 -30.81 15.85
N ALA A 133 6.89 -29.78 15.37
CA ALA A 133 7.20 -28.62 16.17
C ALA A 133 6.30 -27.45 15.79
N TYR A 134 6.17 -26.52 16.73
CA TYR A 134 5.32 -25.34 16.60
C TYR A 134 6.21 -24.11 16.71
N ARG A 135 6.81 -23.71 15.59
CA ARG A 135 7.65 -22.51 15.55
C ARG A 135 7.30 -21.73 14.28
N THR A 136 6.42 -20.76 14.41
CA THR A 136 6.18 -19.84 13.30
C THR A 136 5.87 -18.40 13.67
N CYS A 137 5.38 -18.10 14.87
CA CYS A 137 5.46 -16.77 15.48
C CYS A 137 4.70 -15.72 14.66
N ALA A 138 3.41 -15.94 14.49
CA ALA A 138 2.68 -15.35 13.38
C ALA A 138 1.72 -14.24 13.81
N VAL A 139 1.51 -13.29 12.88
CA VAL A 139 0.32 -12.45 12.84
C VAL A 139 -0.62 -13.28 11.98
N ALA A 140 -1.91 -12.95 11.96
CA ALA A 140 -2.98 -13.80 11.45
C ALA A 140 -2.79 -14.32 10.03
N ASP A 141 -2.93 -13.45 9.05
CA ASP A 141 -2.71 -13.82 7.67
C ASP A 141 -1.93 -12.72 6.97
N ARG A 142 -1.39 -11.77 7.73
CA ARG A 142 -0.74 -10.59 7.21
C ARG A 142 0.58 -10.39 7.90
N THR A 143 1.43 -11.42 7.93
CA THR A 143 2.74 -11.27 8.55
C THR A 143 3.66 -10.43 7.69
N GLY A 144 3.54 -10.54 6.38
CA GLY A 144 4.40 -9.73 5.53
C GLY A 144 3.96 -8.28 5.50
N HIS A 145 2.65 -8.05 5.49
CA HIS A 145 2.13 -6.69 5.43
C HIS A 145 2.36 -5.95 6.73
N ALA A 146 2.34 -6.63 7.86
CA ALA A 146 2.64 -5.97 9.13
C ALA A 146 4.13 -5.88 9.41
N LEU A 147 4.98 -6.51 8.60
CA LEU A 147 6.41 -6.37 8.74
C LEU A 147 6.98 -5.22 7.94
N LEU A 148 6.34 -4.86 6.83
CA LEU A 148 6.77 -3.68 6.10
C LEU A 148 6.32 -2.40 6.80
N HIS A 149 5.07 -2.34 7.23
CA HIS A 149 4.52 -1.11 7.75
C HIS A 149 5.05 -0.73 9.12
N THR A 150 5.77 -1.63 9.79
CA THR A 150 6.47 -1.35 11.04
C THR A 150 7.92 -0.97 10.82
N LEU A 151 8.61 -1.68 9.93
CA LEU A 151 9.97 -1.31 9.61
C LEU A 151 10.02 0.00 8.85
N TYR A 152 8.99 0.35 8.10
CA TYR A 152 8.99 1.64 7.44
C TYR A 152 8.67 2.77 8.40
N GLY A 153 7.82 2.52 9.38
CA GLY A 153 7.61 3.52 10.42
C GLY A 153 8.80 3.65 11.34
N GLN A 154 9.58 2.59 11.50
CA GLN A 154 10.79 2.70 12.31
C GLN A 154 11.90 3.41 11.57
N ALA A 155 12.01 3.25 10.26
CA ALA A 155 12.96 4.00 9.46
C ALA A 155 12.48 5.38 9.13
N LEU A 156 11.42 5.87 9.77
CA LEU A 156 11.10 7.28 9.83
C LEU A 156 11.55 7.92 11.13
N ARG A 157 11.94 7.12 12.11
CA ARG A 157 12.42 7.68 13.37
C ARG A 157 13.76 8.37 13.19
N HIS A 158 14.71 7.67 12.58
CA HIS A 158 16.03 8.22 12.30
C HIS A 158 16.03 8.97 10.99
N ASP A 159 17.13 9.64 10.67
CA ASP A 159 17.25 10.29 9.38
C ASP A 159 17.74 9.27 8.36
N THR A 160 17.01 9.16 7.25
CA THR A 160 17.32 8.20 6.20
C THR A 160 16.72 8.80 4.94
N HIS A 161 17.56 9.19 4.00
CA HIS A 161 17.10 9.96 2.86
C HIS A 161 16.56 9.01 1.81
N PHE A 162 15.25 8.84 1.78
CA PHE A 162 14.63 7.99 0.78
C PHE A 162 14.56 8.72 -0.55
N PHE A 163 14.96 8.03 -1.61
CA PHE A 163 14.85 8.56 -2.96
C PHE A 163 13.85 7.66 -3.68
N ILE A 164 12.56 7.95 -3.51
CA ILE A 164 11.48 7.08 -3.96
C ILE A 164 11.26 7.31 -5.45
N GLU A 165 10.97 6.22 -6.17
CA GLU A 165 10.69 6.18 -7.60
C GLU A 165 11.89 6.61 -8.42
N TYR A 166 13.04 6.03 -8.10
CA TYR A 166 14.24 6.11 -8.92
C TYR A 166 14.51 4.71 -9.47
N PHE A 167 14.91 4.63 -10.72
CA PHE A 167 15.21 3.35 -11.34
C PHE A 167 16.72 3.25 -11.48
N ALA A 168 17.35 2.33 -10.74
CA ALA A 168 18.79 2.18 -10.81
C ALA A 168 19.19 1.39 -12.04
N LEU A 169 20.19 1.89 -12.75
CA LEU A 169 20.57 1.38 -14.05
C LEU A 169 21.82 0.50 -14.02
N ASP A 170 22.90 0.96 -13.41
CA ASP A 170 24.14 0.18 -13.42
C ASP A 170 25.02 0.59 -12.27
N LEU A 171 25.98 -0.28 -11.94
CA LEU A 171 26.96 -0.03 -10.90
C LEU A 171 28.12 0.75 -11.49
N LEU A 172 28.61 1.75 -10.76
CA LEU A 172 29.78 2.50 -11.20
C LEU A 172 31.01 1.76 -10.72
N THR A 173 31.72 1.10 -11.64
CA THR A 173 32.92 0.36 -11.28
C THR A 173 34.14 1.07 -11.85
N HIS A 174 35.27 0.85 -11.19
CA HIS A 174 36.53 1.48 -11.58
C HIS A 174 37.66 0.67 -10.97
N ASN A 175 38.51 0.09 -11.82
CA ASN A 175 39.70 -0.68 -11.42
C ASN A 175 39.34 -1.86 -10.53
N GLY A 176 38.24 -2.52 -10.86
CA GLY A 176 37.86 -3.74 -10.19
C GLY A 176 37.19 -3.58 -8.85
N GLU A 177 36.77 -2.38 -8.48
CA GLU A 177 36.03 -2.14 -7.26
C GLU A 177 34.91 -1.16 -7.53
N VAL A 178 33.79 -1.31 -6.82
CA VAL A 178 32.63 -0.48 -7.09
C VAL A 178 32.65 0.74 -6.17
N VAL A 179 32.05 1.83 -6.62
CA VAL A 179 32.06 3.08 -5.88
C VAL A 179 30.69 3.75 -5.80
N GLY A 180 29.67 3.21 -6.46
CA GLY A 180 28.35 3.81 -6.40
C GLY A 180 27.49 3.36 -7.56
N VAL A 181 26.31 3.97 -7.66
CA VAL A 181 25.34 3.60 -8.69
C VAL A 181 25.07 4.78 -9.60
N ILE A 182 24.17 4.60 -10.57
CA ILE A 182 23.68 5.68 -11.41
C ILE A 182 22.21 5.41 -11.70
N ALA A 183 21.34 6.28 -11.22
CA ALA A 183 19.91 6.05 -11.22
C ALA A 183 19.24 6.94 -12.23
N TYR A 184 17.92 6.98 -12.21
CA TYR A 184 17.16 7.72 -13.20
C TYR A 184 15.87 8.18 -12.54
N ASN A 185 15.73 9.49 -12.34
CA ASN A 185 14.60 10.05 -11.60
C ASN A 185 13.35 9.95 -12.43
N GLN A 186 12.45 9.06 -12.04
CA GLN A 186 11.35 8.68 -12.91
C GLN A 186 10.27 9.75 -12.98
N GLU A 187 10.14 10.54 -11.93
CA GLU A 187 9.11 11.57 -11.87
C GLU A 187 9.45 12.76 -12.75
N ASP A 188 10.73 13.05 -12.89
CA ASP A 188 11.23 14.28 -13.47
C ASP A 188 11.99 14.08 -14.77
N GLY A 189 12.88 13.11 -14.84
CA GLY A 189 13.58 12.88 -16.08
C GLY A 189 15.02 13.37 -16.07
N THR A 190 15.68 13.26 -14.94
CA THR A 190 17.08 13.58 -14.82
C THR A 190 17.85 12.33 -14.46
N ILE A 191 19.15 12.35 -14.68
CA ILE A 191 20.02 11.23 -14.38
C ILE A 191 20.84 11.57 -13.16
N HIS A 192 20.74 10.76 -12.11
CA HIS A 192 21.43 11.00 -10.85
C HIS A 192 22.59 10.02 -10.73
N ARG A 193 23.67 10.46 -10.10
CA ARG A 193 24.90 9.68 -10.04
C ARG A 193 25.43 9.63 -8.62
N PHE A 194 24.94 8.68 -7.83
CA PHE A 194 25.29 8.57 -6.43
C PHE A 194 26.69 8.00 -6.30
N ARG A 195 27.42 8.41 -5.28
CA ARG A 195 28.74 7.87 -5.01
C ARG A 195 28.85 7.52 -3.54
N ALA A 196 29.26 6.30 -3.24
CA ALA A 196 29.23 5.84 -1.86
C ALA A 196 30.52 5.11 -1.57
N HIS A 197 30.57 4.46 -0.41
CA HIS A 197 31.69 3.64 -0.04
C HIS A 197 31.35 2.17 0.05
N LYS A 198 30.14 1.82 0.48
CA LYS A 198 29.71 0.43 0.60
C LYS A 198 28.30 0.31 0.04
N THR A 199 28.16 0.19 -1.28
CA THR A 199 26.85 0.04 -1.87
C THR A 199 26.29 -1.35 -1.63
N ILE A 200 25.00 -1.41 -1.33
CA ILE A 200 24.35 -2.62 -0.81
C ILE A 200 23.16 -2.93 -1.69
N ILE A 201 23.12 -4.12 -2.27
CA ILE A 201 22.10 -4.50 -3.23
C ILE A 201 21.12 -5.44 -2.56
N ALA A 202 19.88 -5.00 -2.44
CA ALA A 202 18.80 -5.79 -1.86
C ALA A 202 17.57 -5.70 -2.72
N THR A 203 17.74 -5.92 -4.03
CA THR A 203 16.67 -5.68 -4.97
C THR A 203 15.58 -6.74 -4.85
N GLY A 204 15.86 -7.97 -5.23
CA GLY A 204 14.85 -9.00 -5.09
C GLY A 204 14.97 -10.02 -6.19
N GLY A 205 14.02 -10.92 -6.21
CA GLY A 205 14.15 -12.07 -7.07
C GLY A 205 13.61 -11.84 -8.45
N TYR A 206 14.02 -12.72 -9.36
CA TYR A 206 13.46 -12.75 -10.71
C TYR A 206 12.43 -13.85 -10.74
N GLY A 207 11.21 -13.52 -11.12
CA GLY A 207 10.20 -14.53 -11.17
C GLY A 207 9.43 -14.44 -12.46
N ARG A 208 9.49 -13.28 -13.07
CA ARG A 208 8.70 -13.00 -14.24
C ARG A 208 9.34 -13.53 -15.51
N ALA A 209 10.44 -14.28 -15.41
CA ALA A 209 11.02 -14.92 -16.57
C ALA A 209 10.17 -16.09 -17.05
N TYR A 210 9.34 -16.66 -16.19
CA TYR A 210 8.50 -17.78 -16.55
C TYR A 210 7.14 -17.25 -16.98
N PHE A 211 6.31 -18.14 -17.52
CA PHE A 211 5.02 -17.69 -18.02
C PHE A 211 4.03 -17.48 -16.89
N SER A 212 3.87 -18.49 -16.04
CA SER A 212 2.95 -18.40 -14.91
C SER A 212 3.79 -18.48 -13.64
N CYS A 213 3.94 -17.35 -12.97
CA CYS A 213 4.65 -17.27 -11.70
C CYS A 213 3.70 -16.77 -10.64
N THR A 214 4.15 -16.81 -9.39
CA THR A 214 3.41 -16.15 -8.32
C THR A 214 4.08 -14.88 -7.86
N SER A 215 5.01 -14.35 -8.62
CA SER A 215 5.64 -13.11 -8.23
C SER A 215 4.78 -11.92 -8.63
N ALA A 216 5.26 -10.75 -8.29
CA ALA A 216 4.56 -9.50 -8.59
C ALA A 216 4.82 -9.11 -10.04
N HIS A 217 4.47 -7.89 -10.41
CA HIS A 217 4.82 -7.42 -11.73
C HIS A 217 6.16 -6.73 -11.78
N THR A 218 6.67 -6.30 -10.63
CA THR A 218 7.92 -5.59 -10.54
C THR A 218 9.09 -6.48 -10.15
N CYS A 219 8.87 -7.79 -10.08
CA CYS A 219 9.89 -8.74 -9.64
C CYS A 219 10.72 -9.26 -10.81
N THR A 220 11.16 -8.35 -11.66
CA THR A 220 12.20 -8.65 -12.63
C THR A 220 13.54 -8.61 -11.92
N GLY A 221 14.50 -9.36 -12.44
CA GLY A 221 15.74 -9.44 -11.71
C GLY A 221 16.59 -8.25 -12.03
N ASP A 222 16.57 -7.26 -11.17
CA ASP A 222 17.20 -5.98 -11.48
C ASP A 222 18.51 -5.79 -10.75
N GLY A 223 18.81 -6.61 -9.76
CA GLY A 223 20.07 -6.54 -9.04
C GLY A 223 20.96 -7.72 -9.33
N ASN A 224 20.39 -8.77 -9.88
CA ASN A 224 21.22 -9.86 -10.37
C ASN A 224 21.85 -9.51 -11.70
N ALA A 225 21.23 -8.63 -12.47
CA ALA A 225 21.78 -8.31 -13.78
C ALA A 225 22.75 -7.15 -13.73
N MET A 226 22.60 -6.22 -12.79
CA MET A 226 23.55 -5.13 -12.64
C MET A 226 24.91 -5.64 -12.22
N VAL A 227 24.92 -6.67 -11.37
CA VAL A 227 26.17 -7.30 -10.96
C VAL A 227 26.81 -8.02 -12.12
N SER A 228 26.03 -8.78 -12.88
CA SER A 228 26.59 -9.56 -13.96
C SER A 228 26.94 -8.74 -15.18
N ARG A 229 26.53 -7.49 -15.26
CA ARG A 229 27.02 -6.63 -16.32
C ARG A 229 28.34 -5.97 -15.98
N ALA A 230 28.85 -6.17 -14.78
CA ALA A 230 30.15 -5.67 -14.40
C ALA A 230 31.25 -6.71 -14.51
N GLY A 231 30.89 -7.99 -14.62
CA GLY A 231 31.85 -9.06 -14.75
C GLY A 231 31.87 -10.04 -13.59
N PHE A 232 31.05 -9.88 -12.61
CA PHE A 232 31.04 -10.70 -11.42
C PHE A 232 30.10 -11.88 -11.61
N PRO A 233 30.24 -12.97 -10.85
CA PRO A 233 29.41 -14.16 -11.08
C PRO A 233 28.09 -14.13 -10.33
N LEU A 234 27.20 -15.03 -10.75
CA LEU A 234 25.96 -15.33 -10.04
C LEU A 234 25.92 -16.82 -9.73
N GLN A 235 25.46 -17.15 -8.53
CA GLN A 235 25.69 -18.47 -7.95
C GLN A 235 24.39 -19.23 -7.81
N ASP A 236 24.38 -20.48 -8.28
CA ASP A 236 23.30 -21.46 -8.11
C ASP A 236 21.99 -20.95 -8.69
N LEU A 237 21.97 -20.73 -10.00
CA LEU A 237 20.77 -20.17 -10.60
C LEU A 237 19.77 -21.22 -11.06
N GLU A 238 20.13 -22.50 -11.11
CA GLU A 238 19.21 -23.48 -11.64
C GLU A 238 18.22 -23.99 -10.62
N PHE A 239 18.40 -23.71 -9.35
CA PHE A 239 17.51 -24.19 -8.29
C PHE A 239 16.36 -23.22 -8.14
N VAL A 240 15.20 -23.55 -8.71
CA VAL A 240 14.01 -22.72 -8.69
C VAL A 240 12.90 -23.50 -8.01
N GLN A 241 12.29 -22.90 -6.97
CA GLN A 241 11.30 -23.60 -6.16
C GLN A 241 9.91 -23.44 -6.76
N PHE A 242 9.14 -24.51 -6.75
CA PHE A 242 7.80 -24.56 -7.33
C PHE A 242 6.80 -24.75 -6.20
N HIS A 243 5.96 -23.75 -5.98
CA HIS A 243 5.02 -23.81 -4.88
C HIS A 243 3.86 -24.73 -5.29
N PRO A 244 3.39 -25.58 -4.39
CA PRO A 244 2.41 -26.58 -4.79
C PRO A 244 1.00 -26.06 -4.79
N SER A 245 0.81 -24.79 -4.42
CA SER A 245 -0.54 -24.27 -4.27
C SER A 245 -0.60 -22.86 -4.88
N GLY A 246 -0.95 -22.81 -6.16
CA GLY A 246 -1.19 -21.55 -6.84
C GLY A 246 -2.41 -21.67 -7.71
N ILE A 247 -3.27 -20.64 -7.72
CA ILE A 247 -4.58 -20.67 -8.39
C ILE A 247 -4.38 -20.82 -9.88
N TYR A 248 -5.26 -21.57 -10.52
CA TYR A 248 -5.22 -21.85 -11.93
C TYR A 248 -5.40 -20.57 -12.73
N GLY A 249 -4.63 -20.45 -13.81
CA GLY A 249 -4.86 -19.35 -14.73
C GLY A 249 -4.16 -18.06 -14.38
N SER A 250 -4.41 -17.52 -13.18
CA SER A 250 -3.79 -16.26 -12.79
C SER A 250 -2.43 -16.46 -12.14
N GLY A 251 -2.33 -17.41 -11.22
CA GLY A 251 -1.11 -17.66 -10.52
C GLY A 251 -1.07 -17.10 -9.12
N CYS A 252 -2.18 -16.67 -8.58
CA CYS A 252 -2.23 -16.13 -7.23
C CYS A 252 -1.98 -17.22 -6.22
N LEU A 253 -1.70 -16.84 -5.00
CA LEU A 253 -1.19 -17.77 -4.01
C LEU A 253 -2.15 -17.91 -2.85
N ILE A 254 -2.36 -19.15 -2.40
CA ILE A 254 -2.94 -19.48 -1.11
C ILE A 254 -1.82 -19.96 -0.20
N THR A 255 -1.99 -19.74 1.10
CA THR A 255 -0.90 -19.98 2.03
C THR A 255 -0.71 -21.47 2.31
N GLU A 256 0.36 -21.77 3.03
CA GLU A 256 0.58 -23.11 3.55
C GLU A 256 0.02 -23.28 4.95
N GLY A 257 -0.65 -22.24 5.48
CA GLY A 257 -1.52 -22.45 6.62
C GLY A 257 -2.81 -23.15 6.24
N ALA A 258 -3.16 -23.14 4.95
CA ALA A 258 -4.29 -23.92 4.48
C ALA A 258 -4.02 -25.41 4.53
N ARG A 259 -2.75 -25.82 4.62
CA ARG A 259 -2.40 -27.20 4.92
C ARG A 259 -1.61 -27.33 6.21
N GLY A 260 -1.23 -26.21 6.84
CA GLY A 260 -0.60 -26.30 8.14
C GLY A 260 -1.59 -26.62 9.25
N GLU A 261 -2.83 -26.16 9.11
CA GLU A 261 -3.91 -26.56 10.00
C GLU A 261 -5.05 -27.12 9.16
N GLY A 262 -4.90 -28.38 8.74
CA GLY A 262 -6.00 -29.08 8.14
C GLY A 262 -6.09 -28.82 6.66
N GLY A 263 -5.78 -29.82 5.84
CA GLY A 263 -5.82 -29.62 4.40
C GLY A 263 -5.67 -30.92 3.64
N PHE A 264 -6.52 -31.14 2.65
CA PHE A 264 -6.53 -32.39 1.89
C PHE A 264 -6.29 -32.06 0.43
N LEU A 265 -5.14 -32.47 -0.10
CA LEU A 265 -4.95 -32.44 -1.55
C LEU A 265 -5.80 -33.56 -2.15
N VAL A 266 -6.87 -33.18 -2.85
CA VAL A 266 -7.95 -34.09 -3.20
C VAL A 266 -7.91 -34.34 -4.70
N ASN A 267 -7.80 -35.61 -5.09
CA ASN A 267 -7.61 -35.98 -6.49
C ASN A 267 -8.93 -35.88 -7.26
N SER A 268 -8.96 -36.49 -8.45
CA SER A 268 -10.21 -36.62 -9.17
C SER A 268 -11.11 -37.70 -8.57
N GLU A 269 -10.52 -38.74 -7.98
CA GLU A 269 -11.29 -39.83 -7.39
C GLU A 269 -11.65 -39.60 -5.93
N GLY A 270 -11.03 -38.64 -5.26
CA GLY A 270 -11.39 -38.34 -3.89
C GLY A 270 -10.65 -39.13 -2.82
N GLU A 271 -9.32 -38.99 -2.74
CA GLU A 271 -8.54 -39.56 -1.67
C GLU A 271 -7.47 -38.56 -1.25
N ARG A 272 -6.72 -38.90 -0.21
CA ARG A 272 -5.60 -38.09 0.24
C ARG A 272 -4.30 -38.71 -0.27
N PHE A 273 -3.38 -37.86 -0.70
CA PHE A 273 -2.13 -38.32 -1.31
C PHE A 273 -1.15 -38.72 -0.21
N MET A 274 -1.25 -39.99 0.19
CA MET A 274 -0.39 -40.55 1.21
C MET A 274 0.52 -41.65 0.69
N GLU A 275 0.09 -42.41 -0.32
CA GLU A 275 0.86 -43.56 -0.76
C GLU A 275 0.45 -43.90 -2.20
N ARG A 276 1.15 -44.89 -2.76
CA ARG A 276 0.78 -45.85 -3.80
C ARG A 276 0.80 -45.30 -5.22
N TYR A 277 0.90 -43.99 -5.44
CA TYR A 277 1.45 -43.52 -6.71
C TYR A 277 2.66 -42.65 -6.48
N ALA A 278 2.39 -41.49 -5.84
CA ALA A 278 3.43 -40.46 -5.68
C ALA A 278 3.94 -40.21 -4.25
N PRO A 279 3.14 -40.20 -3.16
CA PRO A 279 3.63 -39.75 -1.82
C PRO A 279 4.39 -40.55 -0.73
N THR A 280 5.12 -39.86 0.17
CA THR A 280 5.82 -40.45 1.29
C THR A 280 4.88 -40.61 2.49
N ALA A 281 5.45 -41.04 3.62
CA ALA A 281 4.65 -41.43 4.78
C ALA A 281 4.02 -40.22 5.46
N LYS A 282 4.83 -39.29 5.96
CA LYS A 282 4.30 -38.12 6.63
C LYS A 282 3.86 -37.08 5.59
N ASP A 283 2.68 -36.50 5.81
CA ASP A 283 2.17 -35.52 4.88
C ASP A 283 2.66 -34.12 5.22
N LEU A 284 2.34 -33.17 4.33
CA LEU A 284 2.74 -31.76 4.40
C LEU A 284 4.25 -31.61 4.56
N ALA A 285 4.98 -32.31 3.70
CA ALA A 285 6.44 -32.33 3.72
C ALA A 285 7.01 -31.09 3.03
N CYS A 286 8.31 -31.12 2.75
CA CYS A 286 8.94 -30.05 2.00
C CYS A 286 8.39 -29.98 0.57
N ARG A 287 8.43 -28.78 -0.01
CA ARG A 287 7.75 -28.53 -1.28
C ARG A 287 8.37 -29.22 -2.47
N ASP A 288 9.56 -29.80 -2.33
CA ASP A 288 10.16 -30.52 -3.43
C ASP A 288 9.43 -31.83 -3.71
N VAL A 289 9.21 -32.64 -2.68
CA VAL A 289 8.59 -33.94 -2.90
C VAL A 289 7.07 -33.85 -3.04
N VAL A 290 6.45 -32.72 -2.67
CA VAL A 290 5.00 -32.62 -2.79
C VAL A 290 4.59 -31.91 -4.06
N SER A 291 5.51 -31.27 -4.77
CA SER A 291 5.15 -30.70 -6.05
C SER A 291 5.41 -31.68 -7.19
N ARG A 292 6.47 -32.47 -7.10
CA ARG A 292 6.66 -33.55 -8.06
C ARG A 292 5.67 -34.67 -7.84
N ALA A 293 5.07 -34.74 -6.65
CA ALA A 293 3.93 -35.61 -6.43
C ALA A 293 2.75 -35.23 -7.30
N ILE A 294 2.56 -33.93 -7.54
CA ILE A 294 1.35 -33.50 -8.24
C ILE A 294 1.51 -33.65 -9.75
N THR A 295 2.64 -33.22 -10.30
CA THR A 295 2.79 -33.15 -11.75
C THR A 295 2.82 -34.52 -12.41
N MET A 296 3.10 -35.58 -11.66
CA MET A 296 2.96 -36.92 -12.19
C MET A 296 1.55 -37.48 -12.02
N GLU A 297 0.77 -36.93 -11.08
CA GLU A 297 -0.60 -37.39 -10.90
C GLU A 297 -1.50 -36.91 -12.03
N ILE A 298 -1.33 -35.64 -12.44
CA ILE A 298 -2.07 -35.10 -13.56
C ILE A 298 -1.52 -35.62 -14.88
N ARG A 299 -0.29 -36.14 -14.88
CA ARG A 299 0.27 -36.76 -16.08
C ARG A 299 -0.31 -38.15 -16.30
N GLU A 300 -0.53 -38.90 -15.23
CA GLU A 300 -1.14 -40.21 -15.37
C GLU A 300 -2.61 -40.09 -15.70
N GLY A 301 -3.29 -39.09 -15.14
CA GLY A 301 -4.67 -38.84 -15.48
C GLY A 301 -5.60 -38.75 -14.28
N ARG A 302 -5.04 -38.84 -13.08
CA ARG A 302 -5.83 -38.80 -11.85
C ARG A 302 -6.03 -37.37 -11.34
N GLY A 303 -6.34 -36.45 -12.25
CA GLY A 303 -6.47 -35.05 -11.87
C GLY A 303 -7.76 -34.44 -12.36
N VAL A 304 -8.54 -33.91 -11.42
CA VAL A 304 -9.81 -33.28 -11.76
C VAL A 304 -9.55 -31.99 -12.53
N GLY A 305 -10.36 -31.75 -13.56
CA GLY A 305 -10.25 -30.53 -14.34
C GLY A 305 -11.04 -30.56 -15.63
N LYS A 306 -11.30 -29.38 -16.21
CA LYS A 306 -11.97 -29.34 -17.50
C LYS A 306 -11.02 -29.82 -18.60
N LYS A 307 -9.80 -29.30 -18.60
CA LYS A 307 -8.72 -29.82 -19.43
C LYS A 307 -7.84 -30.80 -18.67
N LYS A 308 -8.15 -31.03 -17.39
CA LYS A 308 -7.50 -32.00 -16.50
C LYS A 308 -6.01 -31.70 -16.31
N ASP A 309 -5.67 -30.41 -16.28
CA ASP A 309 -4.39 -29.95 -15.74
C ASP A 309 -4.74 -28.95 -14.65
N HIS A 310 -5.05 -29.48 -13.48
CA HIS A 310 -5.89 -28.79 -12.50
C HIS A 310 -5.99 -29.72 -11.30
N MET A 311 -6.24 -29.19 -10.09
CA MET A 311 -6.38 -30.04 -8.90
C MET A 311 -7.42 -29.42 -7.97
N TYR A 312 -7.55 -30.02 -6.79
CA TYR A 312 -8.45 -29.55 -5.74
C TYR A 312 -7.69 -29.41 -4.43
N LEU A 313 -8.34 -28.72 -3.50
CA LEU A 313 -7.94 -28.71 -2.09
C LEU A 313 -9.18 -28.27 -1.32
N GLN A 314 -9.60 -29.07 -0.35
CA GLN A 314 -10.77 -28.69 0.45
C GLN A 314 -10.35 -27.83 1.63
N LEU A 315 -11.28 -26.99 2.07
CA LEU A 315 -11.16 -26.26 3.33
C LEU A 315 -12.47 -26.34 4.11
N SER A 316 -13.20 -27.44 3.97
CA SER A 316 -14.52 -27.59 4.57
C SER A 316 -14.52 -28.33 5.89
N HIS A 317 -13.46 -29.09 6.20
CA HIS A 317 -13.42 -29.86 7.44
C HIS A 317 -13.22 -28.98 8.66
N LEU A 318 -12.68 -27.79 8.48
CA LEU A 318 -12.35 -26.92 9.60
C LEU A 318 -13.61 -26.31 10.21
N PRO A 319 -13.54 -25.92 11.48
CA PRO A 319 -14.60 -25.07 12.03
C PRO A 319 -14.59 -23.71 11.36
N PRO A 320 -15.77 -23.10 11.16
CA PRO A 320 -15.80 -21.83 10.42
C PRO A 320 -15.34 -20.62 11.23
N GLU A 321 -15.07 -20.77 12.53
CA GLU A 321 -14.52 -19.65 13.28
C GLU A 321 -13.01 -19.71 13.41
N VAL A 322 -12.38 -20.83 13.03
CA VAL A 322 -10.93 -20.85 12.88
C VAL A 322 -10.52 -20.55 11.44
N LEU A 323 -11.46 -20.61 10.50
CA LEU A 323 -11.27 -20.07 9.16
C LEU A 323 -11.49 -18.57 9.11
N LYS A 324 -11.87 -17.95 10.23
CA LYS A 324 -12.06 -16.52 10.33
C LYS A 324 -11.01 -15.83 11.17
N GLU A 325 -10.62 -16.42 12.30
CA GLU A 325 -9.66 -15.77 13.19
C GLU A 325 -8.22 -15.94 12.72
N ARG A 326 -7.88 -17.11 12.19
CA ARG A 326 -6.50 -17.42 11.84
C ARG A 326 -6.20 -17.31 10.36
N LEU A 327 -7.19 -17.45 9.48
CA LEU A 327 -6.97 -17.33 8.04
C LEU A 327 -8.09 -16.53 7.38
N PRO A 328 -8.14 -15.19 7.60
CA PRO A 328 -9.21 -14.41 6.99
C PRO A 328 -8.90 -13.83 5.61
N GLY A 329 -7.62 -13.56 5.32
CA GLY A 329 -7.27 -12.91 4.08
C GLY A 329 -7.26 -13.84 2.89
N ILE A 330 -7.08 -15.14 3.13
CA ILE A 330 -7.13 -16.13 2.06
C ILE A 330 -8.56 -16.29 1.55
N SER A 331 -9.55 -16.03 2.41
CA SER A 331 -10.94 -16.29 2.07
C SER A 331 -11.48 -15.33 1.01
N GLU A 332 -10.86 -14.17 0.86
CA GLU A 332 -11.24 -13.23 -0.19
C GLU A 332 -10.46 -13.45 -1.48
N THR A 333 -9.21 -13.90 -1.41
CA THR A 333 -8.43 -14.19 -2.60
C THR A 333 -8.81 -15.49 -3.27
N ALA A 334 -9.74 -16.25 -2.70
CA ALA A 334 -10.26 -17.45 -3.32
C ALA A 334 -11.68 -17.28 -3.81
N ALA A 335 -12.35 -16.19 -3.44
CA ALA A 335 -13.72 -15.95 -3.87
C ALA A 335 -13.83 -14.98 -5.04
N ILE A 336 -12.73 -14.35 -5.46
CA ILE A 336 -12.81 -13.34 -6.50
C ILE A 336 -12.00 -13.78 -7.73
N PHE A 337 -10.98 -14.61 -7.53
CA PHE A 337 -10.23 -15.15 -8.65
C PHE A 337 -10.69 -16.53 -9.04
N ALA A 338 -11.28 -17.27 -8.10
CA ALA A 338 -11.90 -18.55 -8.39
C ALA A 338 -13.41 -18.48 -8.40
N GLY A 339 -14.01 -17.61 -7.60
CA GLY A 339 -15.45 -17.53 -7.51
C GLY A 339 -16.08 -18.65 -6.72
N VAL A 340 -15.29 -19.42 -5.97
CA VAL A 340 -15.79 -20.49 -5.11
C VAL A 340 -15.31 -20.22 -3.69
N ASP A 341 -16.24 -20.17 -2.75
CA ASP A 341 -15.90 -19.94 -1.36
C ASP A 341 -15.16 -21.13 -0.76
N VAL A 342 -14.58 -20.91 0.42
CA VAL A 342 -13.68 -21.88 1.03
C VAL A 342 -14.36 -22.69 2.12
N THR A 343 -15.68 -22.78 2.11
CA THR A 343 -16.40 -23.50 3.14
C THR A 343 -17.31 -24.61 2.63
N LYS A 344 -17.51 -24.73 1.34
CA LYS A 344 -18.42 -25.77 0.85
C LYS A 344 -17.83 -26.62 -0.27
N GLU A 345 -17.00 -26.05 -1.14
CA GLU A 345 -16.50 -26.74 -2.31
C GLU A 345 -14.99 -26.53 -2.42
N PRO A 346 -14.27 -27.45 -3.08
CA PRO A 346 -12.83 -27.28 -3.24
C PRO A 346 -12.48 -26.19 -4.25
N ILE A 347 -11.19 -25.85 -4.29
CA ILE A 347 -10.70 -24.72 -5.08
C ILE A 347 -9.65 -25.19 -6.09
N PRO A 348 -9.52 -24.54 -7.25
CA PRO A 348 -8.54 -24.99 -8.26
C PRO A 348 -7.12 -24.65 -7.87
N ILE A 349 -6.19 -25.53 -8.25
CA ILE A 349 -4.78 -25.50 -7.83
C ILE A 349 -3.89 -25.95 -8.99
N ILE A 350 -2.79 -25.24 -9.21
CA ILE A 350 -1.71 -25.69 -10.10
C ILE A 350 -0.38 -25.29 -9.48
N PRO A 351 0.70 -26.01 -9.79
CA PRO A 351 2.03 -25.56 -9.36
C PRO A 351 2.72 -24.57 -10.28
N THR A 352 3.23 -23.49 -9.68
CA THR A 352 3.77 -22.33 -10.37
C THR A 352 5.06 -21.90 -9.68
N VAL A 353 5.84 -21.06 -10.37
CA VAL A 353 7.18 -20.67 -9.93
C VAL A 353 7.09 -19.72 -8.76
N HIS A 354 7.81 -20.00 -7.68
CA HIS A 354 7.64 -19.21 -6.47
C HIS A 354 8.87 -18.43 -6.05
N TYR A 355 9.98 -19.10 -5.75
CA TYR A 355 11.14 -18.49 -5.09
C TYR A 355 12.40 -18.93 -5.80
N ASN A 356 13.44 -18.09 -5.74
CA ASN A 356 14.68 -18.33 -6.46
C ASN A 356 15.84 -18.39 -5.49
N MET A 357 16.43 -19.57 -5.33
CA MET A 357 17.47 -19.78 -4.33
C MET A 357 18.86 -19.52 -4.90
N GLY A 358 18.99 -18.43 -5.64
CA GLY A 358 20.28 -18.08 -6.21
C GLY A 358 20.38 -16.59 -6.37
N GLY A 359 21.58 -16.14 -6.67
CA GLY A 359 21.83 -14.72 -6.79
C GLY A 359 23.28 -14.41 -6.59
N ILE A 360 23.59 -13.25 -6.03
CA ILE A 360 24.97 -12.82 -5.85
C ILE A 360 25.61 -13.67 -4.76
N PRO A 361 26.78 -14.27 -4.98
CA PRO A 361 27.37 -15.16 -3.98
C PRO A 361 27.93 -14.36 -2.82
N THR A 362 27.64 -14.81 -1.61
CA THR A 362 27.86 -13.98 -0.43
C THR A 362 28.48 -14.80 0.69
N LYS A 363 29.28 -14.14 1.52
CA LYS A 363 29.73 -14.65 2.80
C LYS A 363 28.59 -14.62 3.81
N TRP A 364 28.85 -15.06 5.02
CA TRP A 364 27.81 -14.94 6.05
C TRP A 364 27.74 -13.57 6.67
N ASN A 365 28.71 -12.70 6.39
CA ASN A 365 28.68 -11.35 6.94
C ASN A 365 28.30 -10.30 5.91
N GLY A 366 27.69 -10.69 4.79
CA GLY A 366 27.09 -9.75 3.88
C GLY A 366 27.92 -9.40 2.67
N GLU A 367 29.24 -9.61 2.70
CA GLU A 367 30.09 -9.15 1.60
C GLU A 367 29.98 -10.07 0.40
N ALA A 368 30.04 -9.48 -0.80
CA ALA A 368 29.93 -10.26 -2.01
C ALA A 368 31.20 -11.04 -2.27
N LEU A 369 31.16 -11.91 -3.28
CA LEU A 369 32.30 -12.78 -3.55
C LEU A 369 32.52 -12.91 -5.04
N THR A 370 33.68 -13.46 -5.38
CA THR A 370 34.03 -13.91 -6.71
C THR A 370 35.10 -14.98 -6.54
N ILE A 371 35.81 -15.34 -7.61
CA ILE A 371 36.95 -16.24 -7.48
C ILE A 371 38.17 -15.64 -8.16
N ASP A 372 39.34 -15.93 -7.59
CA ASP A 372 40.60 -15.62 -8.25
C ASP A 372 40.87 -16.68 -9.30
N GLU A 373 41.07 -16.26 -10.55
CA GLU A 373 41.00 -17.15 -11.70
C GLU A 373 42.22 -18.06 -11.85
N GLU A 374 43.14 -18.09 -10.88
CA GLU A 374 44.24 -19.04 -10.89
C GLU A 374 44.08 -20.11 -9.81
N THR A 375 43.98 -19.71 -8.55
CA THR A 375 43.89 -20.67 -7.47
C THR A 375 42.46 -21.05 -7.11
N GLY A 376 41.46 -20.29 -7.57
CA GLY A 376 40.08 -20.68 -7.35
C GLY A 376 39.61 -20.55 -5.93
N GLU A 377 40.18 -19.64 -5.16
CA GLU A 377 39.76 -19.40 -3.79
C GLU A 377 38.74 -18.26 -3.76
N ASP A 378 38.22 -18.00 -2.57
CA ASP A 378 37.28 -16.92 -2.41
C ASP A 378 38.01 -15.59 -2.28
N LYS A 379 37.35 -14.53 -2.69
CA LYS A 379 37.98 -13.22 -2.79
C LYS A 379 36.87 -12.19 -2.79
N VAL A 380 36.88 -11.31 -1.81
CA VAL A 380 35.76 -10.38 -1.64
C VAL A 380 35.86 -9.27 -2.66
N ILE A 381 34.72 -8.85 -3.18
CA ILE A 381 34.68 -7.68 -4.05
C ILE A 381 34.76 -6.44 -3.17
N PRO A 382 35.68 -5.52 -3.44
CA PRO A 382 35.88 -4.38 -2.53
C PRO A 382 34.82 -3.31 -2.72
N GLY A 383 33.90 -3.23 -1.77
CA GLY A 383 32.92 -2.17 -1.73
C GLY A 383 31.49 -2.54 -2.07
N LEU A 384 31.17 -3.83 -2.14
CA LEU A 384 29.84 -4.28 -2.53
C LEU A 384 29.37 -5.33 -1.55
N MET A 385 28.13 -5.20 -1.08
CA MET A 385 27.48 -6.19 -0.21
C MET A 385 26.12 -6.53 -0.79
N ALA A 386 25.46 -7.56 -0.25
CA ALA A 386 24.17 -7.97 -0.77
C ALA A 386 23.41 -8.71 0.32
N CYS A 387 22.08 -8.59 0.30
CA CYS A 387 21.27 -9.22 1.34
C CYS A 387 19.83 -9.36 0.84
N GLY A 388 19.14 -10.39 1.34
CA GLY A 388 17.74 -10.55 1.01
C GLY A 388 17.39 -11.78 0.20
N GLU A 389 16.61 -11.61 -0.87
CA GLU A 389 16.38 -12.68 -1.83
C GLU A 389 17.38 -12.66 -2.96
N ALA A 390 17.92 -11.49 -3.30
CA ALA A 390 18.89 -11.37 -4.37
C ALA A 390 20.30 -11.68 -3.93
N ALA A 391 20.47 -12.41 -2.85
CA ALA A 391 21.78 -12.81 -2.38
C ALA A 391 21.74 -14.28 -2.02
N CYS A 392 22.73 -15.01 -2.46
CA CYS A 392 22.82 -16.44 -2.19
C CYS A 392 23.89 -16.62 -1.14
N VAL A 393 23.46 -16.56 0.13
CA VAL A 393 24.32 -17.00 1.23
C VAL A 393 24.39 -18.52 1.26
N SER A 394 23.47 -19.17 0.54
CA SER A 394 23.18 -20.60 0.61
C SER A 394 22.93 -21.00 2.06
N VAL A 395 22.00 -20.28 2.67
CA VAL A 395 21.35 -20.75 3.88
C VAL A 395 20.12 -21.56 3.51
N HIS A 396 19.65 -21.45 2.27
CA HIS A 396 18.59 -22.30 1.76
C HIS A 396 19.10 -23.39 0.85
N GLY A 397 20.17 -23.15 0.11
CA GLY A 397 20.81 -24.21 -0.62
C GLY A 397 20.06 -24.66 -1.84
N ALA A 398 19.42 -25.82 -1.76
CA ALA A 398 18.69 -26.39 -2.86
C ALA A 398 17.18 -26.37 -2.68
N ASN A 399 16.69 -26.23 -1.45
CA ASN A 399 15.25 -26.15 -1.22
C ASN A 399 15.01 -25.29 0.00
N ARG A 400 14.38 -24.14 -0.21
CA ARG A 400 14.07 -23.24 0.90
C ARG A 400 12.98 -23.83 1.77
N LEU A 401 13.25 -23.91 3.07
CA LEU A 401 12.25 -24.35 4.01
C LEU A 401 11.11 -23.34 4.07
N GLY A 402 9.90 -23.83 4.31
CA GLY A 402 8.75 -22.95 4.36
C GLY A 402 8.81 -22.03 5.56
N ALA A 403 8.40 -20.78 5.34
CA ALA A 403 8.38 -19.70 6.33
C ALA A 403 9.77 -19.39 6.88
N ASN A 404 10.79 -19.62 6.08
CA ASN A 404 12.17 -19.35 6.50
C ASN A 404 12.78 -18.18 5.78
N SER A 405 12.09 -17.56 4.84
CA SER A 405 12.67 -16.45 4.11
C SER A 405 12.34 -15.10 4.71
N LEU A 406 11.48 -15.02 5.72
CA LEU A 406 11.30 -13.77 6.43
C LEU A 406 12.24 -13.65 7.63
N LEU A 407 12.84 -14.75 8.06
CA LEU A 407 13.96 -14.70 9.00
C LEU A 407 15.25 -14.36 8.29
N ASP A 408 15.32 -14.64 7.00
CA ASP A 408 16.49 -14.33 6.19
C ASP A 408 16.73 -12.84 6.09
N LEU A 409 15.68 -12.04 6.16
CA LEU A 409 15.81 -10.61 5.94
C LEU A 409 16.18 -9.89 7.22
N VAL A 410 15.58 -10.28 8.34
CA VAL A 410 15.82 -9.58 9.59
C VAL A 410 17.19 -9.93 10.14
N VAL A 411 17.63 -11.18 10.00
CA VAL A 411 18.90 -11.58 10.59
C VAL A 411 20.08 -11.10 9.76
N PHE A 412 20.03 -11.30 8.45
CA PHE A 412 21.11 -10.87 7.58
C PHE A 412 20.97 -9.44 7.09
N GLY A 413 20.02 -8.68 7.62
CA GLY A 413 20.02 -7.27 7.39
C GLY A 413 20.64 -6.60 8.59
N ARG A 414 20.43 -7.22 9.76
CA ARG A 414 21.06 -6.76 10.98
C ARG A 414 22.57 -7.00 10.93
N ALA A 415 22.99 -8.09 10.30
CA ALA A 415 24.41 -8.41 10.20
C ALA A 415 25.15 -7.50 9.24
N VAL A 416 24.50 -7.07 8.16
CA VAL A 416 25.14 -6.17 7.21
C VAL A 416 25.36 -4.81 7.85
N ALA A 417 24.44 -4.38 8.72
CA ALA A 417 24.58 -3.10 9.38
C ALA A 417 25.68 -3.10 10.42
N HIS A 418 26.02 -4.26 10.97
CA HIS A 418 27.03 -4.33 12.01
C HIS A 418 28.44 -4.46 11.46
N THR A 419 28.60 -5.14 10.34
CA THR A 419 29.94 -5.34 9.79
C THR A 419 30.46 -4.14 9.02
N VAL A 420 29.61 -3.15 8.70
CA VAL A 420 30.14 -1.90 8.18
C VAL A 420 30.63 -1.04 9.33
N ALA A 421 29.97 -1.13 10.49
CA ALA A 421 30.35 -0.33 11.64
C ALA A 421 31.67 -0.78 12.26
N ASP A 422 32.09 -2.01 12.01
CA ASP A 422 33.38 -2.48 12.51
C ASP A 422 34.52 -2.18 11.56
N THR A 423 34.25 -1.78 10.32
CA THR A 423 35.30 -1.62 9.33
C THR A 423 35.43 -0.21 8.79
N LEU A 424 34.36 0.38 8.27
CA LEU A 424 34.41 1.72 7.71
C LEU A 424 34.30 2.76 8.81
N GLN A 425 35.12 3.79 8.75
CA GLN A 425 34.95 4.88 9.70
C GLN A 425 33.94 5.89 9.18
N PRO A 426 33.19 6.56 10.05
CA PRO A 426 32.24 7.58 9.58
C PRO A 426 32.98 8.85 9.20
N GLY A 427 32.81 9.28 7.96
CA GLY A 427 33.39 10.53 7.52
C GLY A 427 34.74 10.30 6.89
N LEU A 428 34.78 10.29 5.58
CA LEU A 428 35.99 9.96 4.84
C LEU A 428 35.83 10.54 3.43
N PRO A 429 36.82 11.27 2.92
CA PRO A 429 36.65 11.90 1.61
C PRO A 429 36.71 10.87 0.50
N HIS A 430 36.16 11.25 -0.65
CA HIS A 430 36.05 10.36 -1.78
C HIS A 430 37.17 10.62 -2.77
N LYS A 431 37.63 9.55 -3.41
CA LYS A 431 38.66 9.68 -4.42
C LYS A 431 38.08 10.37 -5.65
N PRO A 432 38.82 11.26 -6.31
CA PRO A 432 38.31 11.89 -7.53
C PRO A 432 38.41 10.94 -8.72
N LEU A 433 37.33 10.86 -9.48
CA LEU A 433 37.15 9.98 -10.62
C LEU A 433 36.90 10.83 -11.86
N PRO A 434 37.04 10.29 -13.08
CA PRO A 434 36.85 11.10 -14.29
C PRO A 434 35.41 11.56 -14.49
N SER A 435 35.27 12.49 -15.44
CA SER A 435 34.02 13.21 -15.63
C SER A 435 32.97 12.43 -16.39
N ASP A 436 33.38 11.46 -17.22
CA ASP A 436 32.43 10.60 -17.93
C ASP A 436 32.25 9.27 -17.22
N LEU A 437 32.25 9.29 -15.89
CA LEU A 437 32.02 8.08 -15.11
C LEU A 437 30.58 7.65 -15.32
N GLY A 438 30.37 6.42 -15.75
CA GLY A 438 29.05 5.97 -16.08
C GLY A 438 28.58 6.44 -17.43
N LYS A 439 29.44 6.45 -18.44
CA LYS A 439 29.00 6.89 -19.74
C LYS A 439 28.46 5.76 -20.60
N GLU A 440 28.63 4.50 -20.18
CA GLU A 440 28.13 3.41 -21.00
C GLU A 440 26.65 3.17 -20.79
N SER A 441 26.10 3.61 -19.66
CA SER A 441 24.70 3.41 -19.37
C SER A 441 23.82 4.53 -19.91
N ILE A 442 24.38 5.72 -20.06
CA ILE A 442 23.64 6.78 -20.73
C ILE A 442 23.54 6.47 -22.21
N ALA A 443 24.56 5.84 -22.78
CA ALA A 443 24.49 5.43 -24.18
C ALA A 443 23.56 4.26 -24.38
N ASN A 444 23.31 3.48 -23.34
CA ASN A 444 22.39 2.35 -23.44
C ASN A 444 20.95 2.75 -23.12
N LEU A 445 20.76 3.76 -22.26
CA LEU A 445 19.43 4.31 -22.07
C LEU A 445 18.96 5.02 -23.32
N ASP A 446 19.89 5.66 -24.04
CA ASP A 446 19.55 6.43 -25.22
C ASP A 446 19.20 5.51 -26.38
N LYS A 447 19.85 4.35 -26.47
CA LYS A 447 19.60 3.43 -27.58
C LYS A 447 18.22 2.81 -27.49
N LEU A 448 17.81 2.40 -26.29
CA LEU A 448 16.48 1.82 -26.13
C LEU A 448 15.38 2.86 -26.25
N ARG A 449 15.69 4.13 -26.15
CA ARG A 449 14.66 5.16 -26.20
C ARG A 449 14.30 5.53 -27.64
N ASN A 450 15.29 5.70 -28.50
CA ASN A 450 15.07 5.94 -29.91
C ASN A 450 15.16 4.64 -30.70
N ALA A 451 14.27 3.71 -30.38
CA ALA A 451 14.27 2.41 -31.05
C ALA A 451 13.18 2.39 -32.11
N ASN A 452 13.48 1.74 -33.23
CA ASN A 452 12.50 1.53 -34.29
C ASN A 452 12.90 0.28 -35.06
N GLY A 453 12.19 -0.80 -34.83
CA GLY A 453 12.51 -2.04 -35.48
C GLY A 453 11.27 -2.72 -36.00
N SER A 454 11.17 -4.03 -35.86
CA SER A 454 10.03 -4.78 -36.35
C SER A 454 9.20 -5.43 -35.25
N ARG A 455 9.84 -5.84 -34.16
CA ARG A 455 9.17 -6.55 -33.09
C ARG A 455 8.99 -5.64 -31.89
N SER A 456 7.81 -5.68 -31.29
CA SER A 456 7.49 -4.85 -30.15
C SER A 456 8.04 -5.47 -28.87
N THR A 457 8.27 -4.61 -27.87
CA THR A 457 8.86 -5.06 -26.62
C THR A 457 7.94 -5.88 -25.75
N ALA A 458 6.70 -6.10 -26.15
CA ALA A 458 5.83 -7.03 -25.46
C ALA A 458 5.66 -8.33 -26.23
N GLU A 459 6.33 -8.48 -27.36
CA GLU A 459 6.33 -9.71 -28.13
C GLU A 459 7.58 -10.55 -27.88
N ILE A 460 8.74 -9.90 -27.71
CA ILE A 460 9.93 -10.61 -27.29
C ILE A 460 9.76 -11.17 -25.88
N ARG A 461 9.00 -10.48 -25.04
CA ARG A 461 8.74 -10.98 -23.70
C ARG A 461 7.82 -12.20 -23.71
N MET A 462 7.01 -12.37 -24.75
CA MET A 462 6.18 -13.56 -24.81
C MET A 462 6.92 -14.75 -25.37
N ASN A 463 7.96 -14.54 -26.18
CA ASN A 463 8.76 -15.66 -26.64
C ASN A 463 9.66 -16.19 -25.53
N MET A 464 10.10 -15.31 -24.63
CA MET A 464 10.92 -15.74 -23.50
C MET A 464 10.08 -16.46 -22.46
N LYS A 465 8.87 -15.99 -22.22
CA LYS A 465 8.04 -16.58 -21.18
C LYS A 465 7.51 -17.94 -21.59
N GLN A 466 7.24 -18.15 -22.87
CA GLN A 466 6.70 -19.44 -23.29
C GLN A 466 7.77 -20.49 -23.46
N THR A 467 9.04 -20.09 -23.53
CA THR A 467 10.13 -21.03 -23.71
C THR A 467 10.55 -21.64 -22.39
N MET A 468 10.70 -20.82 -21.37
CA MET A 468 11.18 -21.33 -20.10
C MET A 468 10.09 -21.97 -19.26
N GLN A 469 8.83 -21.84 -19.64
CA GLN A 469 7.83 -22.67 -18.98
C GLN A 469 7.84 -24.07 -19.56
N LYS A 470 8.14 -24.19 -20.84
CA LYS A 470 8.08 -25.48 -21.53
C LYS A 470 9.28 -26.35 -21.20
N ASP A 471 10.49 -25.79 -21.27
CA ASP A 471 11.71 -26.58 -21.19
C ASP A 471 12.28 -26.63 -19.78
N VAL A 472 12.59 -25.47 -19.20
CA VAL A 472 13.20 -25.41 -17.87
C VAL A 472 12.05 -25.44 -16.86
N SER A 473 11.60 -26.65 -16.53
CA SER A 473 10.41 -26.81 -15.71
C SER A 473 10.69 -27.78 -14.58
N VAL A 474 9.64 -28.31 -13.94
CA VAL A 474 9.82 -29.17 -12.78
C VAL A 474 10.44 -30.51 -13.18
N PHE A 475 10.16 -31.01 -14.38
CA PHE A 475 10.70 -32.27 -14.87
C PHE A 475 11.47 -31.99 -16.15
N ARG A 476 12.78 -32.16 -16.10
CA ARG A 476 13.68 -31.75 -17.17
C ARG A 476 14.70 -32.84 -17.46
N THR A 477 15.12 -32.93 -18.71
CA THR A 477 16.11 -33.91 -19.14
C THR A 477 17.04 -33.28 -20.16
N GLN A 478 18.11 -33.99 -20.51
CA GLN A 478 19.08 -33.42 -21.45
C GLN A 478 18.76 -33.79 -22.88
N SER A 479 17.49 -33.64 -23.24
CA SER A 479 17.07 -33.59 -24.63
C SER A 479 16.06 -32.50 -24.89
N SER A 480 15.44 -31.95 -23.85
CA SER A 480 14.64 -30.74 -23.91
C SER A 480 15.33 -29.54 -23.30
N LEU A 481 16.27 -29.76 -22.38
CA LEU A 481 17.08 -28.65 -21.88
C LEU A 481 17.98 -28.08 -22.97
N ASP A 482 18.49 -28.96 -23.84
CA ASP A 482 19.30 -28.50 -24.96
C ASP A 482 18.46 -27.74 -25.98
N GLU A 483 17.17 -28.04 -26.07
CA GLU A 483 16.30 -27.26 -26.93
C GLU A 483 16.05 -25.87 -26.33
N GLY A 484 16.12 -25.75 -25.00
CA GLY A 484 15.93 -24.46 -24.37
C GLY A 484 17.10 -23.53 -24.53
N VAL A 485 18.32 -24.07 -24.53
CA VAL A 485 19.51 -23.24 -24.70
C VAL A 485 19.59 -22.72 -26.12
N ARG A 486 19.12 -23.50 -27.10
CA ARG A 486 19.10 -23.02 -28.47
C ARG A 486 18.01 -21.97 -28.68
N ASN A 487 16.89 -22.09 -27.95
CA ASN A 487 15.79 -21.14 -28.15
C ASN A 487 16.04 -19.83 -27.43
N ILE A 488 16.52 -19.87 -26.19
CA ILE A 488 16.75 -18.66 -25.42
C ILE A 488 17.95 -17.87 -25.94
N THR A 489 18.79 -18.45 -26.78
CA THR A 489 19.78 -17.67 -27.51
C THR A 489 19.16 -17.01 -28.74
N ALA A 490 18.14 -17.64 -29.31
CA ALA A 490 17.46 -17.03 -30.46
C ALA A 490 16.63 -15.84 -30.04
N VAL A 491 15.96 -15.91 -28.88
CA VAL A 491 15.21 -14.77 -28.38
C VAL A 491 16.15 -13.68 -27.90
N GLU A 492 17.36 -14.04 -27.45
CA GLU A 492 18.32 -13.03 -27.06
C GLU A 492 18.85 -12.27 -28.25
N LYS A 493 19.02 -12.94 -29.39
CA LYS A 493 19.65 -12.31 -30.53
C LYS A 493 18.73 -11.31 -31.22
N THR A 494 17.43 -11.43 -31.04
CA THR A 494 16.48 -10.49 -31.64
C THR A 494 16.12 -9.34 -30.74
N PHE A 495 16.90 -9.08 -29.69
CA PHE A 495 16.71 -7.88 -28.89
C PHE A 495 17.29 -6.65 -29.56
N ASP A 496 18.12 -6.82 -30.59
CA ASP A 496 18.63 -5.69 -31.36
C ASP A 496 17.68 -5.27 -32.47
N ASP A 497 16.44 -5.74 -32.46
CA ASP A 497 15.41 -5.34 -33.40
C ASP A 497 14.12 -5.06 -32.65
N VAL A 498 14.21 -4.26 -31.60
CA VAL A 498 13.07 -3.97 -30.75
C VAL A 498 12.48 -2.63 -31.17
N LYS A 499 11.25 -2.36 -30.77
CA LYS A 499 10.50 -1.18 -31.19
C LYS A 499 9.86 -0.51 -30.00
N THR A 500 10.19 0.76 -29.79
CA THR A 500 9.67 1.57 -28.70
C THR A 500 8.99 2.78 -29.29
N THR A 501 7.74 3.04 -28.88
CA THR A 501 6.95 4.12 -29.47
C THR A 501 6.70 5.27 -28.51
N ASP A 502 7.61 5.51 -27.58
CA ASP A 502 7.43 6.56 -26.57
C ASP A 502 8.76 7.26 -26.35
N ARG A 503 8.96 8.40 -26.99
CA ARG A 503 10.21 9.14 -26.89
C ARG A 503 10.22 10.16 -25.77
N SER A 504 9.17 10.19 -24.95
CA SER A 504 9.10 11.11 -23.84
C SER A 504 10.06 10.69 -22.73
N MET A 505 10.36 11.61 -21.84
CA MET A 505 11.33 11.37 -20.78
C MET A 505 10.75 11.44 -19.39
N ILE A 506 9.56 12.00 -19.22
CA ILE A 506 8.90 12.11 -17.92
C ILE A 506 7.93 10.95 -17.79
N TRP A 507 8.19 10.06 -16.83
CA TRP A 507 7.44 8.82 -16.62
C TRP A 507 7.30 8.02 -17.90
N ASN A 508 8.43 7.58 -18.43
CA ASN A 508 8.37 6.68 -19.57
C ASN A 508 8.14 5.30 -19.02
N SER A 509 6.93 4.78 -19.20
CA SER A 509 6.63 3.43 -18.77
C SER A 509 6.79 2.44 -19.90
N ASP A 510 7.40 2.85 -21.00
CA ASP A 510 7.82 1.96 -22.07
C ASP A 510 9.32 1.79 -22.11
N LEU A 511 10.07 2.74 -21.57
CA LEU A 511 11.51 2.63 -21.40
C LEU A 511 11.87 1.91 -20.11
N VAL A 512 11.03 1.98 -19.09
CA VAL A 512 11.27 1.18 -17.91
C VAL A 512 10.95 -0.28 -18.18
N GLU A 513 9.84 -0.55 -18.86
CA GLU A 513 9.45 -1.93 -19.08
C GLU A 513 10.13 -2.56 -20.28
N THR A 514 11.05 -1.86 -20.94
CA THR A 514 11.97 -2.49 -21.87
C THR A 514 13.38 -2.58 -21.31
N LEU A 515 13.65 -1.92 -20.19
CA LEU A 515 14.85 -2.20 -19.42
C LEU A 515 14.63 -3.37 -18.48
N GLU A 516 13.39 -3.63 -18.07
CA GLU A 516 13.06 -4.81 -17.30
C GLU A 516 13.01 -6.06 -18.16
N LEU A 517 13.15 -5.95 -19.47
CA LEU A 517 13.33 -7.10 -20.33
C LEU A 517 14.79 -7.37 -20.63
N GLN A 518 15.61 -6.32 -20.68
CA GLN A 518 17.05 -6.51 -20.78
C GLN A 518 17.61 -7.17 -19.53
N ASN A 519 17.06 -6.82 -18.36
CA ASN A 519 17.52 -7.44 -17.12
C ASN A 519 17.04 -8.86 -16.99
N LEU A 520 15.92 -9.20 -17.61
CA LEU A 520 15.33 -10.52 -17.49
C LEU A 520 15.77 -11.48 -18.57
N LEU A 521 16.66 -11.07 -19.46
CA LEU A 521 17.26 -12.01 -20.39
C LEU A 521 18.64 -12.45 -19.95
N THR A 522 19.36 -11.60 -19.23
CA THR A 522 20.64 -12.00 -18.64
C THR A 522 20.42 -12.98 -17.50
N CYS A 523 19.33 -12.81 -16.75
CA CYS A 523 19.01 -13.71 -15.65
C CYS A 523 18.49 -15.04 -16.15
N ALA A 524 17.89 -15.04 -17.32
CA ALA A 524 17.19 -16.22 -17.83
C ALA A 524 18.05 -17.06 -18.74
N SER A 525 19.14 -16.52 -19.29
CA SER A 525 19.99 -17.31 -20.15
C SER A 525 20.96 -18.16 -19.36
N GLN A 526 21.30 -17.73 -18.16
CA GLN A 526 22.17 -18.52 -17.29
C GLN A 526 21.40 -19.45 -16.39
N THR A 527 20.08 -19.57 -16.57
CA THR A 527 19.30 -20.57 -15.86
C THR A 527 19.15 -21.84 -16.67
N ALA A 528 18.99 -21.71 -17.98
CA ALA A 528 18.94 -22.87 -18.83
C ALA A 528 20.32 -23.41 -19.15
N VAL A 529 21.34 -22.57 -19.07
CA VAL A 529 22.70 -23.02 -19.32
C VAL A 529 23.26 -23.75 -18.10
N SER A 530 23.04 -23.19 -16.92
CA SER A 530 23.54 -23.79 -15.69
C SER A 530 22.76 -25.01 -15.24
N ALA A 531 21.64 -25.33 -15.88
CA ALA A 531 20.93 -26.56 -15.61
C ALA A 531 21.24 -27.65 -16.60
N ALA A 532 21.86 -27.33 -17.73
CA ALA A 532 22.30 -28.34 -18.67
C ALA A 532 23.70 -28.85 -18.36
N ASN A 533 24.25 -28.47 -17.22
CA ASN A 533 25.58 -28.87 -16.80
C ASN A 533 25.52 -29.37 -15.37
N ARG A 534 24.40 -29.98 -15.00
CA ARG A 534 24.27 -30.55 -13.65
C ARG A 534 23.63 -31.93 -13.81
N LYS A 535 24.46 -32.96 -13.76
CA LYS A 535 24.01 -34.32 -14.02
C LYS A 535 23.79 -35.05 -12.71
N GLU A 536 22.84 -34.53 -11.93
CA GLU A 536 22.40 -35.14 -10.68
C GLU A 536 21.02 -34.59 -10.38
N SER A 537 20.43 -35.08 -9.29
CA SER A 537 19.09 -34.63 -8.92
C SER A 537 19.03 -34.45 -7.42
N ARG A 538 19.04 -33.22 -6.95
CA ARG A 538 18.82 -32.94 -5.54
C ARG A 538 17.96 -31.71 -5.41
N GLY A 539 17.12 -31.71 -4.37
CA GLY A 539 16.30 -30.55 -4.08
C GLY A 539 15.23 -30.35 -5.12
N ALA A 540 15.13 -29.11 -5.60
CA ALA A 540 14.15 -28.73 -6.61
C ALA A 540 14.71 -28.77 -8.02
N HIS A 541 15.80 -29.49 -8.24
CA HIS A 541 16.36 -29.70 -9.57
C HIS A 541 16.38 -31.21 -9.80
N ALA A 542 15.39 -31.73 -10.52
CA ALA A 542 15.28 -33.16 -10.73
C ALA A 542 15.49 -33.48 -12.20
N ARG A 543 16.39 -34.41 -12.48
CA ARG A 543 16.68 -34.85 -13.84
C ARG A 543 16.01 -36.18 -14.10
N GLU A 544 15.46 -36.33 -15.30
CA GLU A 544 14.82 -37.60 -15.66
C GLU A 544 15.83 -38.66 -16.02
N ASP A 545 17.02 -38.27 -16.47
CA ASP A 545 18.00 -39.23 -16.95
C ASP A 545 19.13 -39.51 -15.98
N TYR A 546 19.15 -38.86 -14.82
CA TYR A 546 20.11 -39.18 -13.76
C TYR A 546 19.40 -39.09 -12.41
N PRO A 547 18.63 -40.11 -12.04
CA PRO A 547 17.72 -39.98 -10.90
C PRO A 547 18.33 -40.25 -9.54
N ASN A 548 19.64 -40.15 -9.35
CA ASN A 548 20.23 -40.38 -8.04
C ASN A 548 21.20 -39.28 -7.68
N ARG A 549 21.30 -38.99 -6.38
CA ARG A 549 22.09 -37.87 -5.90
C ARG A 549 23.55 -38.26 -5.73
N ASP A 550 24.45 -37.51 -6.36
CA ASP A 550 25.87 -37.82 -6.37
C ASP A 550 26.59 -36.93 -5.36
N ASP A 551 26.83 -37.46 -4.17
CA ASP A 551 27.45 -36.68 -3.11
C ASP A 551 28.95 -36.51 -3.28
N GLU A 552 29.58 -37.23 -4.20
CA GLU A 552 31.03 -37.18 -4.33
C GLU A 552 31.50 -36.37 -5.52
N HIS A 553 30.67 -36.21 -6.55
CA HIS A 553 31.06 -35.44 -7.71
C HIS A 553 30.23 -34.18 -7.90
N TRP A 554 29.18 -33.97 -7.11
CA TRP A 554 28.33 -32.81 -7.29
C TRP A 554 27.98 -32.18 -5.95
N MET A 555 28.93 -32.14 -5.04
CA MET A 555 28.81 -31.34 -3.83
C MET A 555 29.54 -30.02 -4.03
N LYS A 556 29.00 -29.20 -4.92
CA LYS A 556 29.63 -27.93 -5.23
C LYS A 556 28.60 -26.96 -5.78
N HIS A 557 28.80 -25.68 -5.51
CA HIS A 557 27.97 -24.65 -6.10
C HIS A 557 28.40 -24.40 -7.54
N THR A 558 27.63 -23.59 -8.26
CA THR A 558 27.90 -23.27 -9.65
C THR A 558 27.95 -21.76 -9.82
N LEU A 559 29.00 -21.27 -10.45
CA LEU A 559 29.10 -19.85 -10.75
C LEU A 559 29.00 -19.65 -12.25
N SER A 560 28.49 -18.50 -12.68
CA SER A 560 28.20 -18.25 -14.09
C SER A 560 28.53 -16.82 -14.46
N TRP A 561 29.06 -16.62 -15.67
CA TRP A 561 29.51 -15.34 -16.16
C TRP A 561 28.84 -15.03 -17.48
N GLN A 562 28.30 -13.82 -17.62
CA GLN A 562 27.83 -13.34 -18.92
C GLN A 562 27.81 -11.82 -18.91
N LYS A 563 28.53 -11.19 -19.83
CA LYS A 563 28.71 -9.75 -19.77
C LYS A 563 27.47 -9.00 -20.26
N ASP A 564 27.08 -9.23 -21.51
CA ASP A 564 25.96 -8.52 -22.11
C ASP A 564 24.88 -9.49 -22.57
N VAL A 565 23.83 -8.96 -23.19
CA VAL A 565 22.84 -9.82 -23.82
C VAL A 565 23.43 -10.35 -25.12
N ALA A 566 23.18 -11.64 -25.39
CA ALA A 566 23.77 -12.39 -26.49
C ALA A 566 25.29 -12.36 -26.44
N ALA A 567 25.82 -12.96 -25.38
CA ALA A 567 27.24 -13.19 -25.19
C ALA A 567 27.42 -14.62 -24.71
N PRO A 568 28.58 -15.23 -24.94
CA PRO A 568 28.79 -16.60 -24.46
C PRO A 568 28.86 -16.68 -22.96
N VAL A 569 28.38 -17.80 -22.43
CA VAL A 569 28.30 -18.06 -21.00
C VAL A 569 29.37 -19.06 -20.61
N THR A 570 30.13 -18.75 -19.57
CA THR A 570 31.11 -19.68 -19.03
C THR A 570 30.69 -20.07 -17.62
N LEU A 571 31.12 -21.24 -17.17
CA LEU A 571 30.77 -21.73 -15.85
C LEU A 571 32.00 -22.25 -15.13
N LYS A 572 32.07 -21.99 -13.82
CA LYS A 572 33.09 -22.55 -12.95
C LYS A 572 32.44 -22.88 -11.62
N TYR A 573 33.15 -23.60 -10.77
CA TYR A 573 32.54 -24.21 -9.59
C TYR A 573 33.34 -23.87 -8.34
N ARG A 574 32.70 -23.94 -7.18
CA ARG A 574 33.42 -23.75 -5.93
C ARG A 574 32.83 -24.64 -4.84
N ARG A 575 33.68 -25.00 -3.89
CA ARG A 575 33.36 -25.98 -2.86
C ARG A 575 32.42 -25.41 -1.81
N VAL A 576 31.44 -26.20 -1.41
CA VAL A 576 30.49 -25.80 -0.38
C VAL A 576 31.08 -26.05 1.01
N ILE A 577 30.95 -25.06 1.89
CA ILE A 577 31.53 -25.13 3.23
C ILE A 577 30.77 -26.14 4.07
N ASP A 578 31.48 -26.87 4.92
CA ASP A 578 30.90 -27.95 5.72
C ASP A 578 31.45 -27.91 7.15
N HIS A 579 31.51 -26.73 7.75
CA HIS A 579 31.88 -26.64 9.16
C HIS A 579 31.26 -25.40 9.77
N THR A 580 30.87 -25.51 11.04
CA THR A 580 30.17 -24.45 11.73
C THR A 580 31.15 -23.39 12.24
N LEU A 581 30.62 -22.41 12.98
CA LEU A 581 31.44 -21.36 13.53
C LEU A 581 32.12 -21.77 14.83
N ASP A 582 31.56 -22.74 15.53
CA ASP A 582 32.09 -23.15 16.84
C ASP A 582 31.81 -24.64 16.98
N GLU A 583 32.88 -25.44 16.98
CA GLU A 583 32.74 -26.88 17.04
C GLU A 583 32.27 -27.39 18.39
N LYS A 584 32.32 -26.56 19.43
CA LYS A 584 31.80 -26.96 20.73
C LYS A 584 30.41 -26.44 21.02
N GLU A 585 29.96 -25.38 20.32
CA GLU A 585 28.59 -24.91 20.52
C GLU A 585 27.60 -25.83 19.81
N CYS A 586 27.92 -26.24 18.59
CA CYS A 586 27.11 -27.19 17.85
C CYS A 586 28.01 -27.99 16.92
N PRO A 587 27.77 -29.29 16.78
CA PRO A 587 28.54 -30.09 15.81
C PRO A 587 27.83 -30.18 14.47
N SER A 588 28.63 -30.14 13.41
CA SER A 588 28.08 -30.16 12.05
C SER A 588 27.51 -31.53 11.74
N VAL A 589 26.44 -31.55 10.96
CA VAL A 589 25.75 -32.80 10.66
C VAL A 589 26.49 -33.49 9.52
N PRO A 590 26.46 -34.82 9.46
CA PRO A 590 27.09 -35.52 8.34
C PRO A 590 26.11 -35.73 7.21
N PRO A 591 26.59 -35.82 5.97
CA PRO A 591 25.68 -36.03 4.82
C PRO A 591 25.12 -37.44 4.81
N THR A 592 23.82 -37.56 5.10
CA THR A 592 23.14 -38.85 5.07
C THR A 592 22.00 -38.80 4.06
N VAL A 593 21.03 -39.69 4.20
CA VAL A 593 19.80 -39.62 3.43
C VAL A 593 18.62 -39.37 4.35
N THR B 1 -15.13 -19.15 -35.07
CA THR B 1 -15.96 -19.73 -34.03
C THR B 1 -16.35 -18.67 -33.00
N HIS B 2 -15.33 -18.10 -32.38
CA HIS B 2 -15.48 -17.08 -31.34
C HIS B 2 -15.74 -15.71 -31.96
N THR B 3 -17.01 -15.36 -32.05
CA THR B 3 -17.43 -14.07 -32.58
C THR B 3 -17.04 -12.97 -31.60
N PRO B 4 -16.28 -11.98 -32.03
CA PRO B 4 -15.70 -11.03 -31.08
C PRO B 4 -16.70 -10.02 -30.57
N ARG B 5 -16.76 -9.89 -29.25
CA ARG B 5 -17.53 -8.84 -28.58
C ARG B 5 -16.60 -7.67 -28.31
N LEU B 6 -17.13 -6.45 -28.46
CA LEU B 6 -16.31 -5.25 -28.33
C LEU B 6 -16.93 -4.31 -27.30
N LYS B 7 -16.27 -4.14 -26.17
CA LYS B 7 -16.57 -3.07 -25.22
C LYS B 7 -15.65 -1.89 -25.53
N THR B 8 -16.08 -0.70 -25.13
CA THR B 8 -15.33 0.52 -25.42
C THR B 8 -14.93 1.19 -24.13
N PHE B 9 -13.64 1.19 -23.81
CA PHE B 9 -13.12 1.87 -22.64
C PHE B 9 -12.80 3.31 -23.00
N LYS B 10 -12.99 4.21 -22.04
CA LYS B 10 -12.77 5.65 -22.28
C LYS B 10 -11.79 6.19 -21.25
N VAL B 11 -10.51 6.21 -21.58
CA VAL B 11 -9.45 6.49 -20.61
C VAL B 11 -9.06 7.95 -20.69
N TYR B 12 -8.94 8.60 -19.54
CA TYR B 12 -8.38 9.93 -19.42
C TYR B 12 -6.94 9.96 -19.91
N ARG B 13 -6.53 11.06 -20.54
CA ARG B 13 -5.19 11.17 -21.14
C ARG B 13 -4.61 12.55 -20.91
N TRP B 14 -3.31 12.61 -20.68
CA TRP B 14 -2.55 13.85 -20.73
C TRP B 14 -1.12 13.52 -21.10
N ASN B 15 -0.40 14.50 -21.60
CA ASN B 15 0.98 14.26 -21.99
C ASN B 15 1.81 15.49 -21.67
N PRO B 16 2.63 15.45 -20.61
CA PRO B 16 3.22 16.66 -20.09
C PRO B 16 4.39 17.20 -20.88
N ASP B 17 4.70 16.63 -22.04
CA ASP B 17 5.64 17.23 -22.97
C ASP B 17 4.95 18.09 -24.00
N GLU B 18 3.62 18.14 -23.98
CA GLU B 18 2.84 19.16 -24.67
C GLU B 18 1.73 19.60 -23.73
N PRO B 19 2.04 20.42 -22.73
CA PRO B 19 1.03 20.82 -21.75
C PRO B 19 0.04 21.85 -22.26
N SER B 20 0.21 22.34 -23.48
CA SER B 20 -0.76 23.25 -24.06
C SER B 20 -2.04 22.56 -24.45
N ALA B 21 -2.03 21.25 -24.63
CA ALA B 21 -3.23 20.51 -24.97
C ALA B 21 -4.16 20.40 -23.76
N LYS B 22 -5.40 20.08 -24.02
CA LYS B 22 -6.33 19.85 -22.93
C LYS B 22 -6.46 18.35 -22.66
N PRO B 23 -6.67 17.97 -21.41
CA PRO B 23 -6.92 16.56 -21.10
C PRO B 23 -8.24 16.10 -21.68
N HIS B 24 -8.22 14.92 -22.27
CA HIS B 24 -9.40 14.44 -22.97
C HIS B 24 -9.61 12.98 -22.65
N LEU B 25 -10.61 12.40 -23.32
CA LEU B 25 -10.94 10.99 -23.17
C LEU B 25 -10.77 10.30 -24.50
N GLN B 26 -10.10 9.16 -24.50
CA GLN B 26 -9.82 8.42 -25.71
C GLN B 26 -10.49 7.06 -25.65
N SER B 27 -10.98 6.58 -26.80
CA SER B 27 -11.77 5.37 -26.85
C SER B 27 -10.96 4.21 -27.39
N TYR B 28 -10.94 3.10 -26.66
CA TYR B 28 -10.28 1.88 -27.08
C TYR B 28 -11.30 0.76 -27.10
N GLN B 29 -11.25 -0.06 -28.14
CA GLN B 29 -12.15 -1.18 -28.30
C GLN B 29 -11.40 -2.46 -27.95
N VAL B 30 -11.86 -3.16 -26.92
CA VAL B 30 -11.16 -4.33 -26.39
C VAL B 30 -12.02 -5.56 -26.64
N ASP B 31 -11.45 -6.55 -27.33
CA ASP B 31 -12.12 -7.82 -27.57
C ASP B 31 -12.27 -8.52 -26.22
N LEU B 32 -13.50 -8.61 -25.74
CA LEU B 32 -13.75 -9.04 -24.38
C LEU B 32 -13.55 -10.54 -24.17
N ASN B 33 -13.38 -11.30 -25.25
CA ASN B 33 -13.31 -12.75 -25.14
C ASN B 33 -11.94 -13.20 -24.63
N ASP B 34 -10.86 -12.76 -25.27
CA ASP B 34 -9.51 -13.05 -24.79
C ASP B 34 -8.99 -11.90 -23.93
N CYS B 35 -9.54 -11.82 -22.73
CA CYS B 35 -9.23 -10.80 -21.74
C CYS B 35 -9.65 -11.34 -20.40
N GLY B 36 -8.96 -10.93 -19.35
CA GLY B 36 -9.23 -11.42 -18.03
C GLY B 36 -10.50 -10.82 -17.45
N PRO B 37 -10.92 -11.31 -16.29
CA PRO B 37 -12.17 -10.85 -15.70
C PRO B 37 -12.06 -9.57 -14.89
N MET B 38 -10.97 -8.81 -14.97
CA MET B 38 -10.81 -7.61 -14.17
C MET B 38 -10.52 -6.44 -15.09
N VAL B 39 -10.36 -5.26 -14.52
CA VAL B 39 -10.07 -4.09 -15.35
C VAL B 39 -8.58 -3.97 -15.64
N LEU B 40 -7.71 -4.36 -14.69
CA LEU B 40 -6.28 -4.29 -14.95
C LEU B 40 -5.86 -5.30 -16.00
N ASP B 41 -6.61 -6.38 -16.14
CA ASP B 41 -6.37 -7.30 -17.24
C ASP B 41 -6.82 -6.74 -18.57
N ALA B 42 -7.63 -5.68 -18.56
CA ALA B 42 -8.04 -5.02 -19.79
C ALA B 42 -7.25 -3.76 -20.07
N LEU B 43 -6.66 -3.14 -19.06
CA LEU B 43 -5.79 -2.00 -19.28
C LEU B 43 -4.37 -2.41 -19.61
N LEU B 44 -4.02 -3.68 -19.45
CA LEU B 44 -2.72 -4.17 -19.88
C LEU B 44 -2.77 -4.75 -21.27
N LYS B 45 -3.95 -5.17 -21.74
CA LYS B 45 -4.12 -5.62 -23.11
C LYS B 45 -4.12 -4.45 -24.08
N ILE B 46 -4.50 -3.27 -23.61
CA ILE B 46 -4.42 -2.07 -24.42
C ILE B 46 -2.97 -1.65 -24.61
N LYS B 47 -2.16 -1.78 -23.56
CA LYS B 47 -0.77 -1.38 -23.65
C LYS B 47 0.08 -2.34 -24.45
N ASP B 48 -0.36 -3.58 -24.63
CA ASP B 48 0.41 -4.57 -25.37
C ASP B 48 0.10 -4.56 -26.85
N GLU B 49 -1.17 -4.45 -27.22
CA GLU B 49 -1.61 -4.65 -28.59
C GLU B 49 -2.11 -3.37 -29.24
N GLN B 50 -1.95 -2.23 -28.58
CA GLN B 50 -2.43 -0.96 -29.10
C GLN B 50 -1.48 0.11 -28.60
N ASP B 51 -1.98 1.34 -28.52
CA ASP B 51 -1.19 2.50 -28.10
C ASP B 51 -0.59 2.30 -26.71
N SER B 52 0.73 2.20 -26.67
CA SER B 52 1.48 1.95 -25.45
C SER B 52 2.10 3.22 -24.89
N THR B 53 1.45 4.35 -25.08
CA THR B 53 1.81 5.58 -24.40
C THR B 53 1.06 5.70 -23.07
N LEU B 54 0.12 4.80 -22.83
CA LEU B 54 -0.67 4.77 -21.61
C LEU B 54 0.23 4.41 -20.43
N THR B 55 0.18 5.20 -19.37
CA THR B 55 0.94 4.91 -18.16
C THR B 55 0.02 4.83 -16.95
N PHE B 56 0.31 3.89 -16.07
CA PHE B 56 -0.40 3.73 -14.81
C PHE B 56 0.51 2.94 -13.88
N ARG B 57 0.06 2.77 -12.64
CA ARG B 57 0.81 2.05 -11.63
C ARG B 57 0.17 0.69 -11.37
N ARG B 58 0.98 -0.33 -11.20
CA ARG B 58 0.48 -1.66 -10.88
C ARG B 58 1.62 -2.46 -10.29
N SER B 59 1.33 -3.30 -9.33
CA SER B 59 2.44 -4.12 -8.88
C SER B 59 2.12 -5.59 -8.71
N CYS B 60 1.06 -5.97 -7.99
CA CYS B 60 0.81 -7.41 -7.61
C CYS B 60 -0.40 -8.11 -8.21
N ARG B 61 -1.37 -7.43 -8.71
CA ARG B 61 -2.64 -7.97 -9.18
C ARG B 61 -3.49 -8.77 -8.19
N GLU B 62 -3.29 -8.58 -6.88
CA GLU B 62 -4.07 -9.27 -5.87
C GLU B 62 -4.93 -8.35 -5.02
N GLY B 63 -4.54 -7.11 -4.84
CA GLY B 63 -5.25 -6.18 -3.99
C GLY B 63 -4.69 -5.98 -2.60
N ILE B 64 -3.37 -5.81 -2.45
CA ILE B 64 -2.76 -5.72 -1.13
C ILE B 64 -1.69 -4.64 -1.03
N CYS B 65 -1.21 -4.04 -2.13
CA CYS B 65 -0.21 -2.96 -2.14
C CYS B 65 -0.82 -1.57 -2.35
N GLY B 66 -1.95 -1.47 -2.99
CA GLY B 66 -2.60 -0.20 -3.18
C GLY B 66 -1.91 0.70 -4.18
N SER B 67 -1.67 0.28 -5.40
CA SER B 67 -0.84 1.05 -6.31
C SER B 67 -1.61 1.28 -7.56
N CYS B 68 -2.71 0.63 -7.76
CA CYS B 68 -3.49 0.94 -8.95
C CYS B 68 -4.84 1.29 -8.47
N ALA B 69 -5.00 2.40 -7.77
CA ALA B 69 -6.27 2.82 -7.26
C ALA B 69 -6.61 3.94 -8.18
N MET B 70 -7.76 3.93 -8.78
CA MET B 70 -8.24 4.94 -9.71
C MET B 70 -9.73 5.09 -9.50
N ASN B 71 -10.37 5.84 -10.40
CA ASN B 71 -11.79 6.20 -10.29
C ASN B 71 -12.51 5.52 -11.44
N ILE B 72 -12.93 4.28 -11.22
CA ILE B 72 -13.39 3.41 -12.30
C ILE B 72 -14.90 3.44 -12.33
N GLY B 73 -15.47 4.11 -13.31
CA GLY B 73 -16.91 4.09 -13.48
C GLY B 73 -17.70 4.82 -12.43
N GLY B 74 -17.11 5.80 -11.78
CA GLY B 74 -17.88 6.60 -10.85
C GLY B 74 -17.42 6.59 -9.42
N ARG B 75 -16.74 5.56 -8.98
CA ARG B 75 -16.31 5.45 -7.59
C ARG B 75 -14.85 5.07 -7.51
N ASN B 76 -14.20 5.48 -6.43
CA ASN B 76 -12.80 5.14 -6.21
C ASN B 76 -12.68 3.68 -5.83
N THR B 77 -11.92 2.91 -6.60
CA THR B 77 -11.73 1.50 -6.29
C THR B 77 -10.45 1.00 -6.93
N LEU B 78 -10.01 -0.19 -6.52
CA LEU B 78 -8.76 -0.76 -6.99
C LEU B 78 -8.98 -1.49 -8.30
N ALA B 79 -8.09 -1.25 -9.26
CA ALA B 79 -8.30 -1.69 -10.63
C ALA B 79 -7.98 -3.16 -10.87
N CYS B 80 -7.56 -3.92 -9.87
CA CYS B 80 -7.29 -5.39 -9.96
C CYS B 80 -8.31 -6.15 -9.15
N ILE B 81 -9.23 -5.48 -8.47
CA ILE B 81 -10.38 -6.12 -7.90
C ILE B 81 -11.67 -5.78 -8.64
N CYS B 82 -11.76 -4.57 -9.22
CA CYS B 82 -12.95 -4.15 -9.94
C CYS B 82 -13.15 -5.00 -11.17
N LYS B 83 -14.38 -5.46 -11.35
CA LYS B 83 -14.70 -6.50 -12.32
C LYS B 83 -15.47 -5.89 -13.47
N ILE B 84 -15.10 -6.25 -14.69
CA ILE B 84 -15.86 -5.80 -15.85
C ILE B 84 -17.17 -6.56 -15.88
N ASP B 85 -18.27 -5.84 -16.08
CA ASP B 85 -19.55 -6.50 -16.31
C ASP B 85 -19.55 -6.97 -17.77
N GLN B 86 -19.88 -8.23 -17.98
CA GLN B 86 -19.79 -8.79 -19.32
C GLN B 86 -21.03 -8.42 -20.12
N ASN B 87 -21.15 -7.14 -20.47
CA ASN B 87 -22.31 -6.61 -21.19
C ASN B 87 -21.76 -5.56 -22.14
N GLU B 88 -21.67 -5.91 -23.42
CA GLU B 88 -20.86 -5.13 -24.35
C GLU B 88 -21.64 -4.01 -25.03
N SER B 89 -22.73 -3.57 -24.43
CA SER B 89 -23.51 -2.48 -24.96
C SER B 89 -23.24 -1.15 -24.30
N LYS B 90 -22.74 -1.13 -23.06
CA LYS B 90 -22.41 0.09 -22.34
C LYS B 90 -20.91 0.31 -22.34
N GLN B 91 -20.51 1.56 -22.14
CA GLN B 91 -19.10 1.91 -22.16
C GLN B 91 -18.57 2.00 -20.72
N LEU B 92 -17.32 2.43 -20.59
CA LEU B 92 -16.68 2.53 -19.28
C LEU B 92 -15.73 3.71 -19.28
N LYS B 93 -15.79 4.53 -18.24
CA LYS B 93 -14.96 5.72 -18.10
C LYS B 93 -14.00 5.54 -16.94
N ILE B 94 -12.71 5.69 -17.19
CA ILE B 94 -11.65 5.50 -16.21
C ILE B 94 -10.92 6.82 -16.03
N TYR B 95 -10.93 7.35 -14.83
CA TYR B 95 -10.37 8.64 -14.48
C TYR B 95 -9.29 8.46 -13.41
N PRO B 96 -8.42 9.45 -13.20
CA PRO B 96 -7.51 9.35 -12.07
C PRO B 96 -8.21 9.64 -10.76
N LEU B 97 -7.50 9.64 -9.65
CA LEU B 97 -8.11 9.96 -8.38
C LEU B 97 -8.52 11.43 -8.36
N PRO B 98 -9.71 11.75 -7.86
CA PRO B 98 -10.26 13.09 -8.05
C PRO B 98 -9.59 14.15 -7.20
N HIS B 99 -9.35 15.31 -7.82
CA HIS B 99 -8.71 16.48 -7.22
C HIS B 99 -7.32 16.15 -6.67
N MET B 100 -6.43 15.74 -7.58
CA MET B 100 -5.01 15.60 -7.35
C MET B 100 -4.30 16.20 -8.56
N PHE B 101 -3.11 16.74 -8.36
CA PHE B 101 -2.32 17.27 -9.47
C PHE B 101 -1.68 16.12 -10.22
N ILE B 102 -2.21 15.74 -11.38
CA ILE B 102 -1.75 14.51 -12.01
C ILE B 102 -0.41 14.70 -12.70
N VAL B 103 0.27 13.60 -13.04
CA VAL B 103 1.66 13.64 -13.49
C VAL B 103 1.78 13.35 -14.98
N LYS B 104 1.38 12.15 -15.43
CA LYS B 104 1.33 11.91 -16.87
C LYS B 104 -0.05 11.52 -17.37
N ASP B 105 -0.57 10.35 -17.03
CA ASP B 105 -1.87 9.94 -17.55
C ASP B 105 -2.87 9.62 -16.45
N LEU B 106 -2.60 8.62 -15.64
CA LEU B 106 -3.46 8.22 -14.55
C LEU B 106 -2.67 8.14 -13.25
N VAL B 107 -1.56 8.86 -13.16
CA VAL B 107 -0.67 8.85 -12.01
C VAL B 107 -0.82 10.18 -11.27
N PRO B 108 -1.40 10.21 -10.08
CA PRO B 108 -1.48 11.45 -9.33
C PRO B 108 -0.20 11.67 -8.54
N ASP B 109 -0.01 12.91 -8.09
CA ASP B 109 1.17 13.27 -7.32
C ASP B 109 0.83 13.11 -5.85
N LEU B 110 1.20 11.97 -5.27
CA LEU B 110 0.90 11.72 -3.86
C LEU B 110 2.08 12.10 -2.98
N THR B 111 2.65 13.27 -3.20
CA THR B 111 3.76 13.74 -2.37
C THR B 111 3.29 14.41 -1.10
N ASN B 112 2.22 15.19 -1.15
CA ASN B 112 1.63 15.76 0.04
C ASN B 112 1.05 14.71 0.97
N PHE B 113 0.71 13.54 0.45
CA PHE B 113 0.17 12.48 1.29
C PHE B 113 1.25 11.76 2.07
N TYR B 114 2.48 11.72 1.56
CA TYR B 114 3.57 11.07 2.26
C TYR B 114 4.27 12.00 3.24
N GLN B 115 4.00 13.30 3.20
CA GLN B 115 4.47 14.21 4.22
C GLN B 115 3.51 14.33 5.37
N GLN B 116 2.26 13.98 5.17
CA GLN B 116 1.28 13.97 6.25
C GLN B 116 1.22 12.65 6.97
N TYR B 117 1.63 11.55 6.35
CA TYR B 117 1.76 10.30 7.07
C TYR B 117 2.98 10.30 7.96
N LYS B 118 4.04 11.00 7.58
CA LYS B 118 5.23 11.09 8.39
C LYS B 118 5.01 11.84 9.69
N SER B 119 4.00 12.70 9.75
CA SER B 119 3.87 13.64 10.86
C SER B 119 2.93 13.17 11.95
N ILE B 120 2.46 11.93 11.93
CA ILE B 120 1.68 11.42 13.07
C ILE B 120 2.56 10.49 13.88
N GLN B 121 3.84 10.41 13.52
CA GLN B 121 4.88 9.61 14.14
C GLN B 121 4.49 8.15 14.23
N PRO B 122 4.58 7.39 13.16
CA PRO B 122 4.09 6.00 13.19
C PRO B 122 5.11 5.01 13.74
N TYR B 123 5.50 5.17 15.00
CA TYR B 123 6.41 4.26 15.64
C TYR B 123 6.13 4.22 17.12
N LEU B 124 6.59 3.17 17.78
CA LEU B 124 6.29 2.96 19.20
C LEU B 124 7.17 3.82 20.06
N GLN B 125 6.62 4.28 21.18
CA GLN B 125 7.30 5.28 21.99
C GLN B 125 7.25 4.93 23.46
N ARG B 126 7.69 3.73 23.81
CA ARG B 126 7.83 3.36 25.21
C ARG B 126 9.07 4.01 25.83
N SER B 127 9.38 3.56 27.04
CA SER B 127 10.60 3.97 27.71
C SER B 127 11.30 2.87 28.49
N SER B 128 10.73 1.68 28.58
CA SER B 128 11.31 0.60 29.37
C SER B 128 10.83 -0.74 28.87
N PHE B 129 11.69 -1.74 29.00
CA PHE B 129 11.45 -3.08 28.47
C PHE B 129 11.81 -4.08 29.56
N PRO B 130 11.21 -5.28 29.55
CA PRO B 130 11.37 -6.21 30.69
C PRO B 130 12.78 -6.71 30.87
N LYS B 131 13.05 -7.17 32.09
CA LYS B 131 14.44 -7.31 32.55
C LYS B 131 15.11 -8.55 32.00
N ASP B 132 14.35 -9.62 31.72
CA ASP B 132 14.97 -10.80 31.15
C ASP B 132 14.97 -10.79 29.63
N GLY B 133 14.76 -9.62 29.02
CA GLY B 133 14.93 -9.43 27.61
C GLY B 133 13.84 -10.01 26.74
N THR B 134 12.73 -10.45 27.32
CA THR B 134 11.66 -11.04 26.53
C THR B 134 10.75 -9.94 26.00
N GLU B 135 9.65 -10.33 25.38
CA GLU B 135 8.74 -9.39 24.75
C GLU B 135 7.89 -8.69 25.81
N VAL B 136 7.26 -7.59 25.42
CA VAL B 136 6.31 -6.93 26.31
C VAL B 136 5.02 -7.74 26.30
N LEU B 137 4.22 -7.62 27.34
CA LEU B 137 3.04 -8.44 27.51
C LEU B 137 1.79 -7.68 27.07
N GLN B 138 0.83 -8.42 26.52
CA GLN B 138 -0.42 -7.83 26.04
C GLN B 138 -1.46 -8.93 25.95
N SER B 139 -2.59 -8.74 26.62
CA SER B 139 -3.62 -9.78 26.70
C SER B 139 -4.38 -9.88 25.38
N ILE B 140 -5.34 -10.78 25.31
CA ILE B 140 -6.03 -10.97 24.04
C ILE B 140 -7.08 -9.89 23.81
N GLU B 141 -7.78 -9.45 24.86
CA GLU B 141 -8.80 -8.44 24.67
C GLU B 141 -8.22 -7.04 24.44
N ASP B 142 -6.92 -6.83 24.63
CA ASP B 142 -6.29 -5.62 24.15
C ASP B 142 -5.78 -5.78 22.73
N ARG B 143 -5.43 -6.99 22.35
CA ARG B 143 -5.06 -7.27 20.98
C ARG B 143 -6.28 -7.27 20.06
N LYS B 144 -7.47 -7.48 20.61
CA LYS B 144 -8.66 -7.44 19.78
C LYS B 144 -9.00 -6.04 19.31
N LYS B 145 -8.53 -5.00 20.02
CA LYS B 145 -8.89 -3.64 19.69
C LYS B 145 -8.26 -3.15 18.41
N LEU B 146 -7.18 -3.77 17.96
CA LEU B 146 -6.47 -3.33 16.76
C LEU B 146 -7.05 -3.90 15.48
N ASP B 147 -7.93 -4.89 15.57
CA ASP B 147 -8.46 -5.54 14.39
C ASP B 147 -9.35 -4.59 13.62
N GLY B 148 -8.99 -4.33 12.36
CA GLY B 148 -9.65 -3.32 11.59
C GLY B 148 -8.93 -2.00 11.54
N LEU B 149 -7.75 -1.91 12.12
CA LEU B 149 -6.98 -0.68 12.04
C LEU B 149 -5.62 -0.86 11.41
N TYR B 150 -4.91 -1.94 11.74
CA TYR B 150 -3.56 -2.12 11.23
C TYR B 150 -3.51 -2.61 9.80
N GLU B 151 -4.64 -3.03 9.24
CA GLU B 151 -4.66 -3.69 7.94
C GLU B 151 -5.10 -2.74 6.82
N CYS B 152 -4.62 -1.50 6.86
CA CYS B 152 -4.91 -0.48 5.85
C CYS B 152 -3.69 -0.48 4.99
N ILE B 153 -3.84 -0.31 3.69
CA ILE B 153 -2.75 -0.49 2.73
C ILE B 153 -2.24 0.83 2.17
N LEU B 154 -2.77 1.96 2.61
CA LEU B 154 -2.38 3.31 2.23
C LEU B 154 -2.52 3.52 0.72
N CYS B 155 -3.75 3.45 0.23
CA CYS B 155 -4.10 3.60 -1.21
C CYS B 155 -4.62 4.99 -1.49
N ALA B 156 -5.23 5.67 -0.54
CA ALA B 156 -5.88 6.99 -0.67
C ALA B 156 -7.08 6.95 -1.59
N CYS B 157 -7.88 5.90 -1.51
CA CYS B 157 -9.24 5.91 -2.03
C CYS B 157 -10.23 6.43 -1.02
N CYS B 158 -9.83 6.66 0.20
CA CYS B 158 -10.76 7.23 1.15
C CYS B 158 -10.47 8.72 1.20
N SER B 159 -9.22 9.14 1.32
CA SER B 159 -8.91 10.56 1.43
C SER B 159 -9.44 11.33 0.24
N THR B 160 -9.18 10.86 -0.97
CA THR B 160 -9.66 11.57 -2.16
C THR B 160 -11.06 11.12 -2.54
N SER B 161 -11.95 11.09 -1.56
CA SER B 161 -13.39 11.11 -1.83
C SER B 161 -14.11 11.93 -0.78
N CYS B 162 -13.38 12.72 -0.01
CA CYS B 162 -13.95 13.43 1.13
C CYS B 162 -14.03 14.90 0.89
N PRO B 163 -15.22 15.54 0.59
CA PRO B 163 -15.23 16.91 0.26
C PRO B 163 -14.46 17.89 1.14
N SER B 164 -14.07 17.60 2.29
CA SER B 164 -13.24 18.50 3.08
C SER B 164 -11.78 18.38 2.70
N TYR B 165 -11.36 17.20 2.26
CA TYR B 165 -10.04 16.99 1.68
C TYR B 165 -9.99 17.38 0.21
N TRP B 166 -11.09 17.77 -0.41
CA TRP B 166 -10.98 18.24 -1.78
C TRP B 166 -10.58 19.68 -1.82
N TRP B 167 -10.86 20.38 -0.72
CA TRP B 167 -10.64 21.85 -0.66
C TRP B 167 -9.49 22.20 0.28
N ASN B 168 -9.54 21.75 1.52
CA ASN B 168 -8.50 22.01 2.51
C ASN B 168 -7.52 20.86 2.64
N GLN B 169 -6.96 20.36 1.53
CA GLN B 169 -6.10 19.20 1.67
C GLN B 169 -4.69 19.54 2.07
N GLU B 170 -4.37 20.81 2.28
CA GLU B 170 -3.04 21.20 2.69
C GLU B 170 -2.92 21.39 4.19
N GLN B 171 -4.04 21.37 4.90
CA GLN B 171 -4.00 21.46 6.35
C GLN B 171 -4.85 20.42 7.06
N TYR B 172 -5.83 19.80 6.39
CA TYR B 172 -6.61 18.71 6.94
C TYR B 172 -5.94 17.38 6.59
N LEU B 173 -5.85 16.48 7.57
CA LEU B 173 -5.03 15.29 7.43
C LEU B 173 -5.69 14.15 6.67
N GLY B 174 -6.98 14.20 6.42
CA GLY B 174 -7.60 13.17 5.63
C GLY B 174 -8.02 12.01 6.48
N PRO B 175 -8.95 11.19 5.99
CA PRO B 175 -9.39 10.03 6.75
C PRO B 175 -8.44 8.85 6.75
N ALA B 176 -7.38 8.87 5.95
CA ALA B 176 -6.44 7.74 5.94
C ALA B 176 -5.37 7.92 6.99
N VAL B 177 -4.96 9.15 7.23
CA VAL B 177 -3.94 9.46 8.22
C VAL B 177 -4.53 9.62 9.60
N LEU B 178 -5.79 10.00 9.70
CA LEU B 178 -6.42 10.09 11.01
C LEU B 178 -6.86 8.75 11.57
N MET B 179 -6.91 7.70 10.74
CA MET B 179 -7.12 6.38 11.30
C MET B 179 -5.81 5.82 11.85
N GLN B 180 -4.71 6.07 11.17
CA GLN B 180 -3.41 5.64 11.66
C GLN B 180 -2.87 6.52 12.77
N ALA B 181 -3.52 7.64 13.09
CA ALA B 181 -3.20 8.32 14.32
C ALA B 181 -3.94 7.72 15.48
N TYR B 182 -4.95 6.93 15.19
CA TYR B 182 -5.76 6.21 16.16
C TYR B 182 -5.29 4.79 16.36
N ARG B 183 -4.43 4.25 15.51
CA ARG B 183 -3.90 2.89 15.74
C ARG B 183 -2.80 2.98 16.75
N TRP B 184 -2.24 4.15 16.90
CA TRP B 184 -1.19 4.33 17.89
C TRP B 184 -1.70 4.94 19.17
N LEU B 185 -2.96 5.34 19.22
CA LEU B 185 -3.53 5.79 20.49
C LEU B 185 -3.98 4.60 21.32
N ILE B 186 -4.67 3.65 20.71
CA ILE B 186 -5.31 2.58 21.46
C ILE B 186 -4.42 1.35 21.54
N ASP B 187 -3.16 1.48 21.15
CA ASP B 187 -2.21 0.40 21.43
C ASP B 187 -1.89 0.40 22.91
N SER B 188 -1.95 -0.77 23.54
CA SER B 188 -1.81 -0.88 24.98
C SER B 188 -0.38 -0.82 25.46
N ARG B 189 0.58 -0.54 24.59
CA ARG B 189 1.99 -0.52 24.94
C ARG B 189 2.68 0.69 24.33
N ASP B 190 2.02 1.84 24.37
CA ASP B 190 2.43 3.02 23.61
C ASP B 190 2.46 4.23 24.52
N GLN B 191 3.15 4.12 25.64
CA GLN B 191 2.94 5.05 26.75
C GLN B 191 3.46 6.46 26.51
N ALA B 192 3.01 7.11 25.44
CA ALA B 192 3.10 8.56 25.30
C ALA B 192 1.93 8.97 24.41
N THR B 193 0.81 9.29 25.05
CA THR B 193 -0.39 9.73 24.35
C THR B 193 -0.77 11.16 24.67
N LYS B 194 -0.08 11.82 25.58
CA LYS B 194 -0.34 13.23 25.80
C LYS B 194 0.21 14.09 24.68
N THR B 195 1.14 13.57 23.89
CA THR B 195 1.66 14.28 22.73
C THR B 195 0.97 13.87 21.45
N ARG B 196 0.52 12.62 21.36
CA ARG B 196 -0.25 12.21 20.20
C ARG B 196 -1.61 12.89 20.17
N LYS B 197 -2.22 13.11 21.33
CA LYS B 197 -3.43 13.92 21.42
C LYS B 197 -3.13 15.38 21.74
N ALA B 198 -2.19 15.97 21.02
CA ALA B 198 -1.96 17.40 21.15
C ALA B 198 -1.62 18.08 19.85
N MET B 199 -1.25 17.34 18.82
CA MET B 199 -1.04 17.89 17.49
C MET B 199 -2.31 17.85 16.67
N LEU B 200 -3.39 17.32 17.23
CA LEU B 200 -4.67 17.24 16.56
C LEU B 200 -5.65 18.26 17.09
N ASN B 201 -5.24 19.07 18.06
CA ASN B 201 -6.13 19.92 18.83
C ASN B 201 -6.09 21.37 18.38
N ASN B 202 -5.88 21.60 17.11
CA ASN B 202 -5.84 22.92 16.51
C ASN B 202 -7.13 23.18 15.77
N SER B 203 -7.14 24.23 14.97
CA SER B 203 -8.37 24.65 14.29
C SER B 203 -8.78 23.69 13.19
N MET B 204 -7.87 23.36 12.27
CA MET B 204 -8.19 22.46 11.16
C MET B 204 -7.12 21.39 11.01
N SER B 205 -7.18 20.35 11.80
CA SER B 205 -6.52 19.11 11.44
C SER B 205 -7.43 17.92 11.62
N LEU B 206 -8.18 17.88 12.71
CA LEU B 206 -9.16 16.84 12.94
C LEU B 206 -10.57 17.35 12.76
N TYR B 207 -10.81 18.60 13.12
CA TYR B 207 -12.12 19.21 13.08
C TYR B 207 -12.38 19.90 11.76
N ARG B 208 -12.28 19.17 10.68
CA ARG B 208 -12.74 19.72 9.39
C ARG B 208 -13.53 18.55 8.87
N CYS B 209 -13.90 17.66 9.78
CA CYS B 209 -14.74 16.49 9.44
C CYS B 209 -16.15 16.88 9.78
N HIS B 210 -17.09 16.57 8.93
CA HIS B 210 -18.49 16.90 9.09
C HIS B 210 -19.37 15.66 9.09
N THR B 211 -18.77 14.47 9.12
CA THR B 211 -19.43 13.16 9.13
C THR B 211 -20.31 12.97 7.90
N ILE B 212 -19.76 13.18 6.69
CA ILE B 212 -20.42 13.01 5.36
C ILE B 212 -19.75 11.79 4.88
N MET B 213 -20.01 10.62 5.41
CA MET B 213 -19.04 9.57 5.18
C MET B 213 -19.08 8.89 3.83
N ASN B 214 -18.39 9.49 2.86
CA ASN B 214 -17.96 8.79 1.67
C ASN B 214 -16.86 7.79 1.96
N CYS B 215 -16.01 8.07 2.95
CA CYS B 215 -14.90 7.15 3.27
C CYS B 215 -15.43 5.76 3.59
N THR B 216 -16.08 5.51 4.71
CA THR B 216 -16.49 4.12 4.93
C THR B 216 -17.20 3.50 3.73
N ARG B 217 -17.81 4.30 2.81
CA ARG B 217 -18.54 3.71 1.71
C ARG B 217 -17.61 3.15 0.63
N THR B 218 -16.48 3.81 0.38
CA THR B 218 -15.67 3.48 -0.78
C THR B 218 -14.32 2.83 -0.46
N CYS B 219 -14.02 2.46 0.79
CA CYS B 219 -12.79 1.71 1.12
C CYS B 219 -12.93 0.37 0.45
N PRO B 220 -12.02 -0.10 -0.40
CA PRO B 220 -12.09 -1.42 -1.01
C PRO B 220 -11.65 -2.56 -0.14
N LYS B 221 -10.97 -2.30 0.97
CA LYS B 221 -10.62 -3.38 1.88
C LYS B 221 -11.66 -3.59 2.97
N GLY B 222 -12.72 -2.80 2.99
CA GLY B 222 -13.81 -3.03 3.91
C GLY B 222 -13.61 -2.54 5.32
N LEU B 223 -12.76 -1.54 5.52
CA LEU B 223 -12.50 -1.02 6.85
C LEU B 223 -13.46 0.12 7.14
N ASN B 224 -13.19 0.87 8.20
CA ASN B 224 -14.09 1.92 8.68
C ASN B 224 -13.28 3.11 9.15
N PRO B 225 -12.87 3.99 8.24
CA PRO B 225 -12.16 5.19 8.66
C PRO B 225 -13.05 6.32 9.13
N GLY B 226 -14.36 6.14 9.16
CA GLY B 226 -15.26 7.19 9.56
C GLY B 226 -15.66 7.05 11.01
N LEU B 227 -15.74 5.81 11.48
CA LEU B 227 -15.95 5.55 12.89
C LEU B 227 -14.68 5.82 13.68
N ALA B 228 -13.51 5.54 13.11
CA ALA B 228 -12.26 5.75 13.80
C ALA B 228 -11.84 7.21 13.90
N ILE B 229 -12.54 8.12 13.23
CA ILE B 229 -12.33 9.53 13.51
C ILE B 229 -13.20 9.96 14.67
N ALA B 230 -14.45 9.49 14.73
CA ALA B 230 -15.39 9.89 15.77
C ALA B 230 -15.10 9.26 17.12
N GLU B 231 -14.05 8.47 17.27
CA GLU B 231 -13.56 8.11 18.59
C GLU B 231 -12.46 9.02 19.06
N ILE B 232 -11.73 9.67 18.15
CA ILE B 232 -10.75 10.65 18.58
C ILE B 232 -11.44 11.88 19.12
N LYS B 233 -12.52 12.31 18.47
CA LYS B 233 -13.28 13.47 18.92
C LYS B 233 -13.93 13.21 20.26
N LYS B 234 -14.44 12.00 20.46
CA LYS B 234 -15.00 11.61 21.75
C LYS B 234 -13.94 11.48 22.83
N SER B 235 -12.67 11.35 22.47
CA SER B 235 -11.59 11.26 23.44
C SER B 235 -10.90 12.58 23.71
N LEU B 236 -10.86 13.47 22.73
CA LEU B 236 -10.27 14.79 22.91
C LEU B 236 -11.16 15.73 23.70
N ALA B 237 -12.45 15.43 23.80
CA ALA B 237 -13.32 16.19 24.67
C ALA B 237 -13.41 15.57 26.06
N PHE B 238 -13.69 14.28 26.12
CA PHE B 238 -13.80 13.57 27.40
C PHE B 238 -12.41 13.21 27.92
N GLU C 1 29.62 22.38 -0.29
CA GLU C 1 29.26 21.02 0.08
C GLU C 1 28.27 20.45 -0.93
N MET C 2 28.53 19.22 -1.37
CA MET C 2 27.52 18.52 -2.16
C MET C 2 26.41 18.03 -1.24
N ASN C 3 25.34 17.55 -1.88
CA ASN C 3 24.00 17.19 -1.38
C ASN C 3 23.17 18.40 -0.99
N THR C 4 23.76 19.59 -0.90
CA THR C 4 22.99 20.82 -0.70
C THR C 4 22.75 21.56 -2.00
N LYS C 5 23.69 21.49 -2.93
CA LYS C 5 23.44 21.96 -4.27
C LYS C 5 22.65 20.96 -5.10
N ALA C 6 22.46 19.74 -4.61
CA ALA C 6 21.66 18.75 -5.31
C ALA C 6 20.17 18.86 -5.00
N ALA C 7 19.81 19.40 -3.84
CA ALA C 7 18.43 19.68 -3.51
C ALA C 7 18.03 21.10 -3.86
N ILE C 8 18.87 21.81 -4.60
CA ILE C 8 18.53 23.10 -5.18
C ILE C 8 18.50 23.03 -6.71
N ALA C 9 19.46 22.33 -7.29
CA ALA C 9 19.46 22.13 -8.73
C ALA C 9 18.34 21.23 -9.20
N GLU C 10 17.84 20.36 -8.34
CA GLU C 10 16.73 19.49 -8.72
C GLU C 10 15.39 20.14 -8.47
N GLU C 11 15.28 20.99 -7.45
CA GLU C 11 14.02 21.66 -7.16
C GLU C 11 13.65 22.66 -8.25
N GLN C 12 14.64 23.34 -8.83
CA GLN C 12 14.33 24.36 -9.84
C GLN C 12 13.93 23.73 -11.17
N ILE C 13 14.33 22.50 -11.43
CA ILE C 13 13.85 21.81 -12.62
C ILE C 13 12.64 20.96 -12.27
N LEU C 14 12.30 20.84 -10.99
CA LEU C 14 11.06 20.18 -10.62
C LEU C 14 9.91 21.16 -10.49
N ASN C 15 10.16 22.33 -9.91
CA ASN C 15 9.13 23.34 -9.78
C ASN C 15 8.77 24.02 -11.09
N LYS C 16 9.56 23.84 -12.14
CA LYS C 16 9.20 24.38 -13.44
C LYS C 16 8.16 23.52 -14.13
N GLN C 17 8.20 22.20 -13.91
CA GLN C 17 7.20 21.30 -14.46
C GLN C 17 6.00 21.15 -13.56
N ARG C 18 6.22 21.24 -12.25
CA ARG C 18 5.19 21.02 -11.25
C ARG C 18 4.09 22.06 -11.32
N ALA C 19 4.37 23.25 -11.84
CA ALA C 19 3.40 24.32 -11.94
C ALA C 19 2.60 24.28 -13.22
N ARG C 20 2.77 23.27 -14.03
CA ARG C 20 1.95 23.17 -15.24
C ARG C 20 1.05 21.93 -15.24
N ARG C 21 0.89 21.23 -14.12
CA ARG C 21 0.06 20.05 -14.05
C ARG C 21 -1.40 20.44 -13.89
N PRO C 22 -2.36 19.69 -14.44
CA PRO C 22 -3.75 20.06 -14.28
C PRO C 22 -4.32 19.49 -13.01
N ILE C 23 -5.61 19.69 -12.77
CA ILE C 23 -6.31 19.09 -11.66
C ILE C 23 -7.33 18.11 -12.24
N SER C 24 -7.29 16.88 -11.78
CA SER C 24 -8.26 15.89 -12.20
C SER C 24 -9.64 16.27 -11.66
N PRO C 25 -10.70 16.00 -12.43
CA PRO C 25 -12.02 16.50 -12.03
C PRO C 25 -12.61 15.73 -10.87
N HIS C 26 -13.31 16.44 -10.01
CA HIS C 26 -13.79 15.91 -8.74
C HIS C 26 -15.30 15.87 -8.63
N LEU C 27 -15.96 17.02 -8.75
CA LEU C 27 -17.37 17.00 -9.08
C LEU C 27 -17.50 16.72 -10.55
N THR C 28 -18.73 16.47 -10.99
CA THR C 28 -19.16 16.17 -12.36
C THR C 28 -18.60 14.86 -12.90
N ILE C 29 -17.85 14.10 -12.10
CA ILE C 29 -17.64 12.68 -12.38
C ILE C 29 -17.99 11.80 -11.22
N TYR C 30 -18.10 12.30 -9.99
CA TYR C 30 -18.24 11.41 -8.85
C TYR C 30 -19.65 10.85 -8.80
N GLN C 31 -19.86 9.73 -8.10
CA GLN C 31 -21.10 8.98 -8.18
C GLN C 31 -22.10 9.57 -7.21
N PRO C 32 -23.32 9.86 -7.64
CA PRO C 32 -24.37 10.25 -6.70
C PRO C 32 -24.68 9.16 -5.69
N GLN C 33 -24.26 9.36 -4.46
CA GLN C 33 -24.48 8.41 -3.39
C GLN C 33 -25.38 9.05 -2.34
N LEU C 34 -25.84 8.26 -1.39
CA LEU C 34 -26.69 8.79 -0.34
C LEU C 34 -25.91 9.55 0.72
N THR C 35 -24.61 9.31 0.84
CA THR C 35 -23.86 9.90 1.92
C THR C 35 -23.49 11.35 1.71
N TRP C 36 -23.20 11.78 0.48
CA TRP C 36 -22.96 13.18 0.21
C TRP C 36 -24.12 13.86 -0.51
N TYR C 37 -25.27 13.22 -0.61
CA TYR C 37 -26.48 13.91 -1.06
C TYR C 37 -27.37 14.26 0.10
N LEU C 38 -27.23 13.59 1.24
CA LEU C 38 -27.99 13.96 2.41
C LEU C 38 -27.27 14.94 3.30
N SER C 39 -25.94 14.94 3.29
CA SER C 39 -25.19 15.89 4.10
C SER C 39 -24.67 17.05 3.30
N SER C 40 -25.17 17.21 2.08
CA SER C 40 -25.15 18.47 1.37
C SER C 40 -26.52 19.14 1.33
N PHE C 41 -27.54 18.52 1.90
CA PHE C 41 -28.87 19.14 2.06
C PHE C 41 -28.96 19.56 3.51
N HIS C 42 -28.01 19.19 4.32
CA HIS C 42 -27.96 19.68 5.70
C HIS C 42 -27.12 20.94 5.83
N ARG C 43 -26.16 21.15 4.94
CA ARG C 43 -25.42 22.40 4.93
C ARG C 43 -26.15 23.50 4.19
N ILE C 44 -26.97 23.15 3.21
CA ILE C 44 -27.78 24.16 2.53
C ILE C 44 -28.91 24.63 3.43
N SER C 45 -29.59 23.69 4.08
CA SER C 45 -30.81 23.97 4.83
C SER C 45 -30.62 24.86 6.05
N LEU C 46 -29.40 25.17 6.43
CA LEU C 46 -29.15 26.14 7.48
C LEU C 46 -28.61 27.45 6.94
N VAL C 47 -28.16 27.47 5.68
CA VAL C 47 -27.80 28.74 5.08
C VAL C 47 -29.04 29.50 4.66
N LEU C 48 -30.00 28.83 4.04
CA LEU C 48 -31.19 29.52 3.54
C LEU C 48 -32.11 29.91 4.68
N MET C 49 -32.41 28.98 5.58
CA MET C 49 -33.19 29.33 6.77
C MET C 49 -32.39 30.11 7.80
N GLY C 50 -31.09 30.25 7.63
CA GLY C 50 -30.32 31.09 8.53
C GLY C 50 -30.25 32.51 8.07
N LEU C 51 -30.31 32.74 6.75
CA LEU C 51 -30.39 34.10 6.25
C LEU C 51 -31.74 34.70 6.55
N GLY C 52 -32.80 33.90 6.50
CA GLY C 52 -34.11 34.36 6.90
C GLY C 52 -34.30 34.60 8.37
N PHE C 53 -33.36 34.17 9.21
CA PHE C 53 -33.39 34.51 10.62
C PHE C 53 -32.55 35.73 10.93
N TYR C 54 -31.45 35.92 10.19
CA TYR C 54 -30.68 37.14 10.37
C TYR C 54 -31.42 38.34 9.81
N LEU C 55 -31.89 38.23 8.56
CA LEU C 55 -32.46 39.38 7.85
C LEU C 55 -33.76 39.87 8.49
N PHE C 56 -34.50 38.99 9.14
CA PHE C 56 -35.71 39.44 9.84
C PHE C 56 -35.43 39.95 11.24
N THR C 57 -34.18 40.08 11.65
CA THR C 57 -33.87 40.62 12.96
C THR C 57 -32.98 41.83 12.93
N ILE C 58 -32.12 41.99 11.92
CA ILE C 58 -31.43 43.26 11.75
C ILE C 58 -32.43 44.35 11.38
N LEU C 59 -33.47 43.98 10.65
CA LEU C 59 -34.56 44.90 10.35
C LEU C 59 -35.30 45.34 11.60
N PHE C 60 -35.34 44.50 12.62
CA PHE C 60 -35.81 44.92 13.93
C PHE C 60 -34.68 45.45 14.80
N GLY C 61 -33.46 45.47 14.31
CA GLY C 61 -32.36 45.98 15.09
C GLY C 61 -31.92 47.34 14.62
N VAL C 62 -31.85 47.51 13.30
CA VAL C 62 -31.48 48.81 12.73
C VAL C 62 -32.66 49.76 12.78
N SER C 63 -33.86 49.27 13.03
CA SER C 63 -34.99 50.12 13.37
C SER C 63 -35.21 50.20 14.87
N GLY C 64 -34.27 49.71 15.66
CA GLY C 64 -34.31 49.93 17.09
C GLY C 64 -33.52 51.16 17.46
N LEU C 65 -32.29 51.27 16.97
CA LEU C 65 -31.48 52.47 17.21
C LEU C 65 -32.04 53.64 16.44
N LEU C 66 -32.10 53.51 15.12
CA LEU C 66 -32.75 54.51 14.29
C LEU C 66 -34.24 54.44 14.52
N GLY C 67 -34.85 55.57 14.88
CA GLY C 67 -36.27 55.57 15.20
C GLY C 67 -37.13 55.33 13.99
N LEU C 68 -37.69 54.13 13.88
CA LEU C 68 -38.58 53.82 12.77
C LEU C 68 -39.92 53.33 13.29
N GLY C 69 -39.91 52.59 14.40
CA GLY C 69 -41.14 52.06 14.96
C GLY C 69 -41.74 50.97 14.09
N LEU C 70 -41.07 49.84 14.01
CA LEU C 70 -41.56 48.69 13.27
C LEU C 70 -42.15 47.67 14.23
N THR C 71 -43.39 47.30 14.00
CA THR C 71 -44.07 46.31 14.82
C THR C 71 -44.30 45.03 14.03
N THR C 72 -44.67 43.98 14.76
CA THR C 72 -44.87 42.67 14.15
C THR C 72 -46.04 42.67 13.19
N GLU C 73 -47.14 43.30 13.58
CA GLU C 73 -48.30 43.40 12.70
C GLU C 73 -48.11 44.40 11.57
N LYS C 74 -47.09 45.26 11.65
CA LYS C 74 -46.81 46.16 10.53
C LYS C 74 -46.11 45.41 9.40
N VAL C 75 -45.04 44.69 9.73
CA VAL C 75 -44.28 43.97 8.71
C VAL C 75 -44.96 42.71 8.23
N SER C 76 -45.97 42.21 8.95
CA SER C 76 -46.69 41.05 8.49
C SER C 76 -47.69 41.40 7.40
N ASN C 77 -48.45 42.48 7.59
CA ASN C 77 -49.39 42.91 6.57
C ASN C 77 -48.68 43.54 5.38
N TRP C 78 -47.44 44.00 5.55
CA TRP C 78 -46.65 44.42 4.40
C TRP C 78 -46.27 43.23 3.54
N TYR C 79 -46.12 42.05 4.15
CA TYR C 79 -45.66 40.88 3.42
C TYR C 79 -46.76 40.33 2.51
N HIS C 80 -48.01 40.34 2.99
CA HIS C 80 -49.08 39.67 2.28
C HIS C 80 -49.50 40.41 1.02
N GLN C 81 -49.41 41.73 1.03
CA GLN C 81 -49.83 42.51 -0.13
C GLN C 81 -48.78 42.45 -1.23
N LYS C 82 -47.53 42.16 -0.87
CA LYS C 82 -46.41 42.28 -1.78
C LYS C 82 -46.42 41.18 -2.84
N PHE C 83 -46.37 39.93 -2.41
CA PHE C 83 -46.20 38.83 -3.35
C PHE C 83 -47.54 38.34 -3.89
N SER C 84 -47.50 37.67 -5.03
CA SER C 84 -48.70 37.10 -5.64
C SER C 84 -49.17 35.90 -4.85
N LYS C 85 -50.38 35.42 -5.18
CA LYS C 85 -51.02 34.37 -4.39
C LYS C 85 -50.31 33.04 -4.55
N ILE C 86 -49.78 32.76 -5.75
CA ILE C 86 -49.06 31.52 -5.96
C ILE C 86 -47.64 31.64 -5.41
N THR C 87 -47.20 32.86 -5.11
CA THR C 87 -45.88 33.06 -4.54
C THR C 87 -45.92 32.91 -3.03
N GLU C 88 -47.06 33.27 -2.42
CA GLU C 88 -47.23 33.13 -0.97
C GLU C 88 -47.24 31.68 -0.53
N TRP C 89 -47.54 30.76 -1.44
CA TRP C 89 -47.48 29.34 -1.13
C TRP C 89 -46.14 28.71 -1.46
N SER C 90 -45.46 29.21 -2.50
CA SER C 90 -44.24 28.55 -2.96
C SER C 90 -43.08 28.79 -2.01
N ILE C 91 -43.03 29.96 -1.37
CA ILE C 91 -42.10 30.17 -0.27
C ILE C 91 -42.53 29.36 0.94
N LYS C 92 -43.84 29.28 1.18
CA LYS C 92 -44.41 28.50 2.26
C LYS C 92 -44.24 27.00 2.07
N GLY C 93 -44.15 26.55 0.82
CA GLY C 93 -43.96 25.13 0.59
C GLY C 93 -42.51 24.71 0.54
N SER C 94 -41.61 25.64 0.20
CA SER C 94 -40.20 25.33 0.21
C SER C 94 -39.64 25.33 1.62
N PHE C 95 -40.00 26.33 2.42
CA PHE C 95 -39.52 26.44 3.78
C PHE C 95 -40.19 25.46 4.73
N ALA C 96 -41.16 24.68 4.26
CA ALA C 96 -41.76 23.68 5.12
C ALA C 96 -40.88 22.44 5.20
N TYR C 97 -40.35 21.99 4.08
CA TYR C 97 -39.52 20.80 4.09
C TYR C 97 -38.10 21.10 4.56
N LEU C 98 -37.62 22.32 4.31
CA LEU C 98 -36.28 22.70 4.74
C LEU C 98 -36.14 22.75 6.25
N PHE C 99 -37.24 22.94 6.96
CA PHE C 99 -37.20 22.80 8.41
C PHE C 99 -37.20 21.34 8.81
N ALA C 100 -37.94 20.49 8.10
CA ALA C 100 -38.11 19.13 8.57
C ALA C 100 -36.91 18.26 8.24
N ILE C 101 -36.19 18.57 7.16
CA ILE C 101 -34.96 17.84 6.85
C ILE C 101 -33.80 18.30 7.70
N HIS C 102 -33.93 19.43 8.40
CA HIS C 102 -32.95 19.84 9.37
C HIS C 102 -33.33 19.49 10.79
N TYR C 103 -34.61 19.52 11.12
CA TYR C 103 -35.02 19.06 12.44
C TYR C 103 -34.85 17.56 12.57
N GLY C 104 -35.11 16.82 11.49
CA GLY C 104 -34.77 15.42 11.47
C GLY C 104 -33.30 15.15 11.26
N GLY C 105 -32.56 16.16 10.82
CA GLY C 105 -31.14 16.04 10.55
C GLY C 105 -30.28 16.45 11.72
N ALA C 106 -30.85 17.17 12.67
CA ALA C 106 -30.12 17.46 13.89
C ALA C 106 -30.24 16.32 14.88
N ILE C 107 -31.33 15.56 14.82
CA ILE C 107 -31.47 14.41 15.69
C ILE C 107 -30.54 13.30 15.27
N ARG C 108 -30.35 13.14 13.96
CA ARG C 108 -29.50 12.09 13.42
C ARG C 108 -28.04 12.34 13.75
N HIS C 109 -27.60 13.59 13.65
CA HIS C 109 -26.19 13.91 13.85
C HIS C 109 -25.76 13.75 15.29
N LEU C 110 -26.66 13.94 16.25
CA LEU C 110 -26.29 13.82 17.65
C LEU C 110 -26.13 12.39 18.11
N ILE C 111 -26.67 11.42 17.36
CA ILE C 111 -26.32 10.03 17.62
C ILE C 111 -24.91 9.76 17.16
N TRP C 112 -24.52 10.36 16.04
CA TRP C 112 -23.25 10.05 15.41
C TRP C 112 -22.05 10.58 16.17
N ASP C 113 -22.20 11.61 16.99
CA ASP C 113 -21.07 12.04 17.79
C ASP C 113 -20.96 11.31 19.12
N THR C 114 -21.80 10.30 19.35
CA THR C 114 -21.56 9.30 20.38
C THR C 114 -21.13 7.98 19.76
N ALA C 115 -20.66 8.01 18.51
CA ALA C 115 -20.07 6.88 17.79
C ALA C 115 -20.99 5.68 17.69
N LYS C 116 -22.29 5.89 17.69
CA LYS C 116 -23.25 4.81 17.46
C LYS C 116 -23.84 4.94 16.08
N GLU C 117 -24.21 3.79 15.51
CA GLU C 117 -24.80 3.66 14.17
C GLU C 117 -23.89 4.19 13.07
N LEU C 118 -22.57 4.22 13.31
CA LEU C 118 -21.60 4.67 12.34
C LEU C 118 -21.04 3.55 11.50
N THR C 119 -21.77 2.45 11.36
CA THR C 119 -21.36 1.42 10.42
C THR C 119 -21.86 1.80 9.03
N LEU C 120 -21.86 0.84 8.12
CA LEU C 120 -22.46 1.11 6.83
C LEU C 120 -23.90 0.64 6.74
N LYS C 121 -24.30 -0.29 7.61
CA LYS C 121 -25.70 -0.67 7.67
C LYS C 121 -26.52 0.33 8.46
N GLY C 122 -25.90 0.99 9.45
CA GLY C 122 -26.61 1.97 10.26
C GLY C 122 -26.72 3.35 9.63
N VAL C 123 -25.79 3.73 8.76
CA VAL C 123 -25.90 5.00 8.09
C VAL C 123 -27.02 4.96 7.06
N TYR C 124 -27.31 3.79 6.52
CA TYR C 124 -28.38 3.69 5.54
C TYR C 124 -29.75 3.48 6.16
N ARG C 125 -29.84 2.86 7.33
CA ARG C 125 -31.16 2.66 7.91
C ARG C 125 -31.60 3.82 8.79
N THR C 126 -30.69 4.70 9.20
CA THR C 126 -31.06 6.00 9.73
C THR C 126 -30.89 7.10 8.70
N GLY C 127 -31.03 6.76 7.43
CA GLY C 127 -30.96 7.72 6.36
C GLY C 127 -32.12 7.51 5.43
N TYR C 128 -32.75 6.34 5.55
CA TYR C 128 -34.04 6.13 4.92
C TYR C 128 -35.16 6.62 5.81
N ALA C 129 -34.97 6.57 7.14
CA ALA C 129 -35.95 7.13 8.05
C ALA C 129 -35.94 8.65 8.04
N LEU C 130 -34.88 9.27 7.54
CA LEU C 130 -34.88 10.71 7.34
C LEU C 130 -35.75 11.11 6.16
N ILE C 131 -35.90 10.23 5.17
CA ILE C 131 -36.72 10.53 4.01
C ILE C 131 -38.19 10.31 4.32
N GLY C 132 -38.49 9.37 5.22
CA GLY C 132 -39.87 9.21 5.65
C GLY C 132 -40.33 10.34 6.55
N PHE C 133 -39.44 10.82 7.42
CA PHE C 133 -39.80 11.85 8.38
C PHE C 133 -40.02 13.20 7.72
N THR C 134 -39.36 13.46 6.60
CA THR C 134 -39.58 14.71 5.89
C THR C 134 -40.95 14.74 5.23
N ALA C 135 -41.37 13.61 4.64
CA ALA C 135 -42.61 13.60 3.88
C ALA C 135 -43.85 13.48 4.74
N VAL C 136 -43.73 13.22 6.04
CA VAL C 136 -44.89 13.16 6.91
C VAL C 136 -44.92 14.28 7.94
N LEU C 137 -43.82 14.97 8.19
CA LEU C 137 -43.86 16.14 9.05
C LEU C 137 -44.02 17.41 8.23
N GLY C 138 -43.25 17.53 7.16
CA GLY C 138 -43.36 18.67 6.28
C GLY C 138 -44.67 18.77 5.54
N THR C 139 -45.37 17.65 5.37
CA THR C 139 -46.71 17.72 4.83
C THR C 139 -47.71 18.14 5.90
N TYR C 140 -47.48 17.75 7.16
CA TYR C 140 -48.36 18.16 8.24
C TYR C 140 -48.27 19.66 8.53
N LEU C 141 -47.13 20.28 8.27
CA LEU C 141 -46.99 21.70 8.48
C LEU C 141 -47.61 22.54 7.38
N LEU C 142 -48.02 21.94 6.27
CA LEU C 142 -48.67 22.72 5.23
C LEU C 142 -50.16 22.84 5.48
N THR C 143 -50.77 21.85 6.14
CA THR C 143 -52.19 21.92 6.46
C THR C 143 -52.45 22.97 7.52
N LEU C 144 -51.60 23.04 8.54
CA LEU C 144 -51.69 24.13 9.51
C LEU C 144 -51.25 25.44 8.87
N ILE D 1 -14.80 32.30 -5.41
CA ILE D 1 -15.31 33.52 -4.78
C ILE D 1 -14.82 34.72 -5.57
N PRO D 2 -15.70 35.29 -6.41
CA PRO D 2 -15.29 36.46 -7.20
C PRO D 2 -15.10 37.70 -6.35
N PHE D 3 -14.46 38.71 -6.95
CA PHE D 3 -14.19 40.05 -6.41
C PHE D 3 -13.23 40.07 -5.21
N LEU D 4 -12.64 38.94 -4.86
CA LEU D 4 -11.62 38.90 -3.82
C LEU D 4 -10.24 38.84 -4.45
N PRO D 5 -9.20 39.26 -3.73
CA PRO D 5 -7.84 39.00 -4.18
C PRO D 5 -7.24 37.75 -3.54
N VAL D 6 -6.33 37.07 -4.24
CA VAL D 6 -5.81 35.76 -3.85
C VAL D 6 -4.33 35.87 -3.56
N LEU D 7 -3.88 35.26 -2.46
CA LEU D 7 -2.45 35.22 -2.16
C LEU D 7 -1.70 34.34 -3.16
N PRO D 8 -0.40 34.59 -3.36
CA PRO D 8 0.38 33.72 -4.25
C PRO D 8 0.63 32.36 -3.64
N GLN D 9 0.28 31.32 -4.38
CA GLN D 9 0.17 29.98 -3.83
C GLN D 9 1.44 29.17 -4.10
N LYS D 10 1.44 27.94 -3.60
CA LYS D 10 2.55 27.01 -3.80
C LYS D 10 2.52 26.43 -5.20
N PRO D 11 3.66 26.29 -5.85
CA PRO D 11 3.69 25.82 -7.25
C PRO D 11 3.46 24.32 -7.38
N GLY D 12 2.20 23.94 -7.54
CA GLY D 12 1.83 22.56 -7.77
C GLY D 12 1.13 21.89 -6.62
N GLY D 13 1.13 22.52 -5.45
CA GLY D 13 0.45 21.99 -4.28
C GLY D 13 1.36 21.55 -3.16
N VAL D 14 2.66 21.49 -3.38
CA VAL D 14 3.59 20.95 -2.42
C VAL D 14 4.94 21.61 -2.65
N ARG D 15 5.77 21.63 -1.62
CA ARG D 15 7.11 22.19 -1.67
C ARG D 15 8.05 21.22 -0.97
N GLY D 16 8.94 20.59 -1.74
CA GLY D 16 9.96 19.75 -1.17
C GLY D 16 9.87 18.32 -1.67
N THR D 17 10.23 17.38 -0.80
CA THR D 17 10.50 15.98 -1.03
C THR D 17 9.79 15.14 0.03
N PRO D 18 9.42 13.89 -0.27
CA PRO D 18 8.58 13.10 0.65
C PRO D 18 9.16 12.80 2.03
N ASN D 19 10.41 13.14 2.31
CA ASN D 19 10.94 13.04 3.66
C ASN D 19 10.99 14.38 4.37
N ASP D 20 10.30 15.39 3.84
CA ASP D 20 10.12 16.65 4.55
C ASP D 20 8.76 16.70 5.20
N ALA D 21 8.73 16.48 6.52
CA ALA D 21 7.51 16.29 7.28
C ALA D 21 6.71 17.58 7.34
N TYR D 22 5.43 17.44 7.65
CA TYR D 22 4.50 18.56 7.74
C TYR D 22 4.45 18.99 9.20
N VAL D 23 4.85 20.21 9.48
CA VAL D 23 4.98 20.70 10.86
C VAL D 23 3.62 21.22 11.32
N PRO D 24 3.01 20.63 12.35
CA PRO D 24 1.63 20.96 12.67
C PRO D 24 1.53 22.24 13.48
N PRO D 25 0.40 22.95 13.42
CA PRO D 25 0.27 24.19 14.18
C PRO D 25 0.14 23.89 15.66
N PRO D 26 0.50 24.83 16.53
CA PRO D 26 0.52 24.56 17.97
C PRO D 26 -0.88 24.42 18.54
N GLU D 27 -0.93 23.87 19.75
CA GLU D 27 -2.19 23.53 20.39
C GLU D 27 -2.92 24.79 20.81
N ASN D 28 -4.11 24.99 20.26
CA ASN D 28 -4.86 26.23 20.37
C ASN D 28 -6.29 25.88 20.74
N LYS D 29 -6.46 25.14 21.83
CA LYS D 29 -7.72 24.46 22.16
C LYS D 29 -8.89 25.39 22.45
N LEU D 30 -8.76 26.70 22.30
CA LEU D 30 -9.93 27.57 22.24
C LEU D 30 -10.54 27.58 20.85
N GLU D 31 -9.78 27.25 19.82
CA GLU D 31 -10.32 27.05 18.49
C GLU D 31 -10.50 25.58 18.15
N GLY D 32 -10.02 24.70 18.99
CA GLY D 32 -10.10 23.27 18.73
C GLY D 32 -11.13 22.60 19.58
N SER D 33 -10.70 22.03 20.71
CA SER D 33 -11.57 21.17 21.51
C SER D 33 -12.68 21.93 22.20
N TYR D 34 -12.48 23.20 22.56
CA TYR D 34 -13.54 23.94 23.24
C TYR D 34 -14.65 24.30 22.29
N HIS D 35 -14.32 24.59 21.03
CA HIS D 35 -15.31 24.89 20.02
C HIS D 35 -16.19 23.70 19.70
N TRP D 36 -15.74 22.48 19.96
CA TRP D 36 -16.63 21.33 19.86
C TRP D 36 -17.64 21.30 21.00
N TYR D 37 -17.35 21.94 22.12
CA TYR D 37 -18.30 21.97 23.23
C TYR D 37 -19.36 23.04 23.03
N MET D 38 -19.00 24.17 22.46
CA MET D 38 -19.94 25.23 22.16
C MET D 38 -20.65 25.01 20.85
N GLU D 39 -20.59 23.82 20.30
CA GLU D 39 -21.41 23.40 19.17
C GLU D 39 -22.44 22.37 19.56
N LYS D 40 -22.12 21.52 20.52
CA LYS D 40 -23.06 20.55 21.04
C LYS D 40 -23.99 21.14 22.08
N ILE D 41 -23.58 22.23 22.73
CA ILE D 41 -24.47 22.89 23.68
C ILE D 41 -25.63 23.53 22.96
N PHE D 42 -25.36 24.21 21.85
CA PHE D 42 -26.45 24.86 21.13
C PHE D 42 -27.22 23.88 20.26
N ALA D 43 -26.77 22.64 20.12
CA ALA D 43 -27.55 21.67 19.37
C ALA D 43 -28.45 20.84 20.25
N LEU D 44 -28.02 20.58 21.49
CA LEU D 44 -28.85 19.92 22.48
C LEU D 44 -29.86 20.84 23.12
N SER D 45 -29.90 22.11 22.74
CA SER D 45 -30.86 23.04 23.28
C SER D 45 -31.95 23.45 22.30
N VAL D 46 -31.62 23.62 21.02
CA VAL D 46 -32.63 24.02 20.05
C VAL D 46 -33.41 22.84 19.48
N VAL D 47 -33.06 21.61 19.84
CA VAL D 47 -33.87 20.45 19.49
C VAL D 47 -35.02 20.26 20.46
N PRO D 48 -34.86 20.25 21.83
CA PRO D 48 -36.06 20.08 22.67
C PRO D 48 -36.93 21.32 22.71
N LEU D 49 -36.31 22.50 22.71
CA LEU D 49 -37.06 23.74 22.77
C LEU D 49 -37.71 24.12 21.45
N ALA D 50 -37.41 23.43 20.36
CA ALA D 50 -38.26 23.55 19.18
C ALA D 50 -39.33 22.50 19.15
N THR D 51 -39.17 21.43 19.92
CA THR D 51 -40.27 20.46 20.03
C THR D 51 -41.36 21.00 20.95
N THR D 52 -41.01 21.84 21.91
CA THR D 52 -42.03 22.58 22.64
C THR D 52 -42.27 23.96 22.02
N ALA D 53 -42.38 23.97 20.70
CA ALA D 53 -42.81 25.12 19.92
C ALA D 53 -43.79 24.73 18.85
N MET D 54 -44.02 23.44 18.63
CA MET D 54 -45.16 22.94 17.89
C MET D 54 -46.23 22.35 18.80
N LEU D 55 -45.86 21.87 19.98
CA LEU D 55 -46.83 21.35 20.94
C LEU D 55 -47.36 22.42 21.88
N THR D 56 -47.29 23.68 21.48
CA THR D 56 -47.92 24.77 22.21
C THR D 56 -48.91 25.47 21.29
N THR D 57 -50.06 25.83 21.87
CA THR D 57 -51.17 26.38 21.09
C THR D 57 -51.02 27.86 20.83
N GLY D 58 -50.88 28.68 21.87
CA GLY D 58 -50.68 30.10 21.68
C GLY D 58 -49.22 30.43 21.48
N PRO D 59 -48.80 31.59 21.95
CA PRO D 59 -47.38 31.93 21.93
C PRO D 59 -46.69 31.30 23.14
N LEU D 60 -45.37 31.40 23.16
CA LEU D 60 -44.63 30.99 24.34
C LEU D 60 -44.55 32.15 25.32
N SER D 61 -44.24 31.82 26.57
CA SER D 61 -43.96 32.84 27.56
C SER D 61 -42.66 33.54 27.19
N THR D 62 -42.50 34.78 27.64
CA THR D 62 -41.30 35.55 27.29
C THR D 62 -40.04 34.94 27.90
N ALA D 63 -40.18 34.25 29.03
CA ALA D 63 -39.02 33.57 29.60
C ALA D 63 -38.63 32.35 28.77
N ALA D 64 -39.61 31.54 28.37
CA ALA D 64 -39.33 30.36 27.57
C ALA D 64 -39.11 30.68 26.10
N ASP D 65 -39.24 31.93 25.69
CA ASP D 65 -38.92 32.35 24.34
C ASP D 65 -37.61 33.10 24.24
N SER D 66 -37.21 33.81 25.29
CA SER D 66 -35.92 34.48 25.27
C SER D 66 -34.78 33.48 25.37
N PHE D 67 -34.99 32.38 26.09
CA PHE D 67 -33.97 31.33 26.14
C PHE D 67 -33.92 30.57 24.82
N PHE D 68 -35.02 30.55 24.08
CA PHE D 68 -35.02 29.92 22.77
C PHE D 68 -34.48 30.82 21.68
N SER D 69 -34.47 32.12 21.89
CA SER D 69 -34.02 33.03 20.85
C SER D 69 -32.53 33.33 20.92
N VAL D 70 -31.89 33.14 22.06
CA VAL D 70 -30.44 33.26 22.08
C VAL D 70 -29.79 32.00 21.53
N MET D 71 -30.39 30.84 21.82
CA MET D 71 -29.81 29.59 21.36
C MET D 71 -29.98 29.38 19.88
N LEU D 72 -30.97 30.01 19.25
CA LEU D 72 -31.04 29.94 17.80
C LEU D 72 -30.04 30.86 17.14
N LEU D 73 -29.55 31.86 17.87
CA LEU D 73 -28.52 32.74 17.33
C LEU D 73 -27.15 32.10 17.42
N GLY D 74 -26.87 31.39 18.51
CA GLY D 74 -25.60 30.69 18.62
C GLY D 74 -25.52 29.48 17.72
N TYR D 75 -26.67 28.89 17.37
CA TYR D 75 -26.67 27.77 16.46
C TYR D 75 -26.35 28.21 15.04
N CYS D 76 -27.01 29.26 14.56
CA CYS D 76 -26.72 29.79 13.23
C CYS D 76 -25.40 30.54 13.17
N TYR D 77 -24.83 30.94 14.30
CA TYR D 77 -23.51 31.55 14.26
C TYR D 77 -22.44 30.51 14.03
N MET D 78 -22.56 29.34 14.65
CA MET D 78 -21.57 28.29 14.56
C MET D 78 -21.64 27.50 13.26
N GLU D 79 -22.60 27.79 12.38
CA GLU D 79 -22.62 27.20 11.05
C GLU D 79 -22.20 28.20 9.98
N PHE D 80 -22.46 29.49 10.18
CA PHE D 80 -21.84 30.49 9.34
C PHE D 80 -20.38 30.70 9.66
N ASN D 81 -19.93 30.28 10.84
CA ASN D 81 -18.52 30.41 11.16
C ASN D 81 -17.70 29.33 10.48
N SER D 82 -18.22 28.11 10.43
CA SER D 82 -17.48 27.03 9.78
C SER D 82 -17.62 27.07 8.27
N CYS D 83 -18.55 27.84 7.73
CA CYS D 83 -18.53 28.09 6.29
C CYS D 83 -17.58 29.22 5.94
N ILE D 84 -17.05 29.93 6.91
CA ILE D 84 -16.01 30.90 6.65
C ILE D 84 -14.65 30.22 6.59
N THR D 85 -14.32 29.44 7.60
CA THR D 85 -13.01 28.81 7.65
C THR D 85 -12.88 27.64 6.69
N ASP D 86 -13.98 27.18 6.09
CA ASP D 86 -13.92 26.16 5.06
C ASP D 86 -13.71 26.74 3.68
N TYR D 87 -14.36 27.84 3.34
CA TYR D 87 -14.30 28.35 1.98
C TYR D 87 -13.42 29.58 1.86
N ILE D 88 -13.66 30.62 2.66
CA ILE D 88 -12.81 31.82 2.61
C ILE D 88 -11.72 31.59 3.63
N SER D 89 -10.74 30.79 3.24
CA SER D 89 -9.70 30.38 4.17
C SER D 89 -8.59 31.41 4.18
N GLY D 90 -7.47 31.09 4.83
CA GLY D 90 -6.45 32.10 5.02
C GLY D 90 -5.20 31.85 4.19
N ARG D 91 -5.01 30.64 3.67
CA ARG D 91 -3.91 30.42 2.73
C ARG D 91 -4.17 31.10 1.41
N VAL D 92 -5.43 31.22 1.01
CA VAL D 92 -5.75 31.69 -0.32
C VAL D 92 -6.40 33.06 -0.34
N TYR D 93 -6.68 33.66 0.81
CA TYR D 93 -7.26 35.00 0.79
C TYR D 93 -6.54 35.93 1.75
N GLY D 94 -5.94 35.38 2.78
CA GLY D 94 -5.07 36.18 3.61
C GLY D 94 -5.78 37.00 4.66
N VAL D 95 -5.79 38.32 4.50
CA VAL D 95 -6.37 39.17 5.54
C VAL D 95 -7.89 39.20 5.45
N TRP D 96 -8.48 38.80 4.32
CA TRP D 96 -9.92 38.81 4.17
C TRP D 96 -10.59 37.64 4.85
N HIS D 97 -9.83 36.71 5.42
CA HIS D 97 -10.45 35.75 6.32
C HIS D 97 -10.80 36.42 7.65
N LYS D 98 -10.02 37.40 8.07
CA LYS D 98 -10.29 38.09 9.32
C LYS D 98 -11.27 39.23 9.17
N TYR D 99 -11.41 39.79 7.99
CA TYR D 99 -12.42 40.84 7.82
C TYR D 99 -13.81 40.24 7.72
N ALA D 100 -13.93 39.12 7.01
CA ALA D 100 -15.19 38.42 6.90
C ALA D 100 -15.56 37.65 8.16
N MET D 101 -14.66 37.56 9.14
CA MET D 101 -15.03 37.14 10.47
C MET D 101 -15.44 38.32 11.33
N TYR D 102 -15.19 39.55 10.89
CA TYR D 102 -15.70 40.72 11.59
C TYR D 102 -17.07 41.14 11.10
N MET D 103 -17.47 40.72 9.90
CA MET D 103 -18.85 40.93 9.47
C MET D 103 -19.81 40.01 10.19
N LEU D 104 -19.32 38.93 10.81
CA LEU D 104 -20.10 38.15 11.75
C LEU D 104 -19.98 38.70 13.16
N GLY D 105 -19.43 39.90 13.32
CA GLY D 105 -19.35 40.64 14.55
C GLY D 105 -20.47 41.66 14.60
N LEU D 106 -20.20 42.87 14.11
CA LEU D 106 -21.23 43.90 13.98
C LEU D 106 -22.12 43.69 12.77
N GLY D 107 -22.63 42.47 12.61
CA GLY D 107 -23.73 42.13 11.74
C GLY D 107 -24.50 41.06 12.48
N SER D 108 -23.97 40.70 13.64
CA SER D 108 -24.61 39.79 14.56
C SER D 108 -24.69 40.31 15.98
N ALA D 109 -23.99 41.39 16.30
CA ALA D 109 -24.21 42.04 17.58
C ALA D 109 -25.42 42.97 17.54
N VAL D 110 -25.80 43.43 16.35
CA VAL D 110 -27.04 44.18 16.20
C VAL D 110 -28.23 43.27 15.99
N SER D 111 -28.01 41.97 15.83
CA SER D 111 -29.11 41.03 15.86
C SER D 111 -29.50 40.67 17.28
N LEU D 112 -28.59 40.82 18.24
CA LEU D 112 -28.94 40.58 19.63
C LEU D 112 -29.80 41.71 20.17
N PHE D 113 -29.53 42.94 19.73
CA PHE D 113 -30.38 44.05 20.12
C PHE D 113 -31.73 43.98 19.43
N GLY D 114 -31.78 43.42 18.22
CA GLY D 114 -33.03 43.24 17.53
C GLY D 114 -33.94 42.20 18.14
N ILE D 115 -33.40 41.30 18.97
CA ILE D 115 -34.25 40.42 19.75
C ILE D 115 -34.87 41.19 20.91
N TYR D 116 -34.12 42.13 21.49
CA TYR D 116 -34.58 42.92 22.62
C TYR D 116 -35.76 43.81 22.28
N LYS D 117 -35.93 44.15 21.01
CA LYS D 117 -37.12 44.85 20.56
C LYS D 117 -38.23 43.91 20.10
N LEU D 118 -38.02 42.60 20.21
CA LEU D 118 -39.07 41.63 19.93
C LEU D 118 -39.52 40.87 21.16
N GLU D 119 -38.79 40.96 22.27
CA GLU D 119 -39.20 40.29 23.49
C GLU D 119 -39.94 41.22 24.45
N THR D 120 -39.73 42.53 24.35
CA THR D 120 -40.37 43.49 25.24
C THR D 120 -41.51 44.24 24.57
N GLU D 121 -41.27 44.81 23.40
CA GLU D 121 -42.31 45.57 22.72
C GLU D 121 -43.35 44.64 22.09
N ASN D 122 -42.89 43.72 21.26
CA ASN D 122 -43.75 42.71 20.65
C ASN D 122 -43.53 41.39 21.37
N ASP D 123 -44.03 40.31 20.80
CA ASP D 123 -43.99 39.00 21.47
C ASP D 123 -43.16 38.00 20.67
N GLY D 124 -41.88 37.88 21.03
CA GLY D 124 -41.06 36.75 20.65
C GLY D 124 -40.72 36.58 19.18
N VAL D 125 -39.93 35.54 18.87
CA VAL D 125 -39.66 35.21 17.48
C VAL D 125 -40.55 34.08 16.99
N VAL D 126 -41.10 33.26 17.89
CA VAL D 126 -42.09 32.30 17.43
C VAL D 126 -43.43 32.98 17.27
N GLY D 127 -43.61 34.15 17.88
CA GLY D 127 -44.79 34.93 17.62
C GLY D 127 -44.72 35.64 16.29
N LEU D 128 -43.51 35.95 15.84
CA LEU D 128 -43.35 36.59 14.53
C LEU D 128 -43.57 35.59 13.41
N VAL D 129 -42.94 34.41 13.51
CA VAL D 129 -42.94 33.49 12.38
C VAL D 129 -44.30 32.80 12.25
N LYS D 130 -45.09 32.75 13.32
CA LYS D 130 -46.46 32.27 13.17
C LYS D 130 -47.35 33.36 12.60
N SER D 131 -47.00 34.62 12.83
CA SER D 131 -47.86 35.73 12.47
C SER D 131 -47.97 35.90 10.96
N LEU D 132 -46.84 35.68 10.26
CA LEU D 132 -46.89 35.73 8.80
C LEU D 132 -47.79 34.67 8.22
N TRP D 133 -47.45 33.42 8.59
CA TRP D 133 -48.27 32.23 8.27
C TRP D 133 -47.39 30.99 8.45
N ASP D 134 -47.80 29.82 7.96
CA ASP D 134 -47.02 28.54 8.06
C ASP D 134 -46.26 28.48 9.38
PA FAD E . 11.60 -7.22 -2.15
O1A FAD E . 10.86 -7.11 -0.87
O2A FAD E . 10.90 -7.67 -3.38
O5B FAD E . 12.32 -5.84 -2.46
C5B FAD E . 12.03 -5.31 -3.76
C4B FAD E . 12.20 -3.82 -3.75
O4B FAD E . 13.46 -3.49 -4.36
C3B FAD E . 11.18 -3.05 -4.58
O3B FAD E . 10.08 -2.69 -3.76
C2B FAD E . 11.94 -1.78 -4.90
O2B FAD E . 11.79 -0.90 -3.81
C1B FAD E . 13.39 -2.25 -5.02
N9A FAD E . 13.84 -2.43 -6.37
C8A FAD E . 13.61 -3.51 -7.14
N7A FAD E . 14.17 -3.40 -8.33
C5A FAD E . 14.78 -2.17 -8.32
C6A FAD E . 15.51 -1.46 -9.27
N6A FAD E . 15.77 -1.93 -10.49
N1A FAD E . 15.98 -0.25 -8.93
C2A FAD E . 15.71 0.21 -7.72
N3A FAD E . 15.04 -0.35 -6.74
C4A FAD E . 14.59 -1.56 -7.11
N1 FAD E . 8.38 -15.87 2.79
C2 FAD E . 8.02 -16.31 3.99
O2 FAD E . 8.85 -16.46 4.88
N3 FAD E . 6.78 -16.61 4.31
C4 FAD E . 5.76 -16.50 3.42
O4 FAD E . 4.63 -16.80 3.75
C4X FAD E . 6.06 -16.03 2.15
N5 FAD E . 5.09 -15.92 1.29
C5X FAD E . 5.41 -15.45 0.05
C6 FAD E . 4.39 -15.30 -0.90
C7 FAD E . 4.67 -14.84 -2.16
C7M FAD E . 3.56 -14.73 -3.17
C8 FAD E . 5.99 -14.51 -2.50
C8M FAD E . 6.34 -14.02 -3.86
C9 FAD E . 6.98 -14.65 -1.58
C9A FAD E . 6.72 -15.11 -0.30
N10 FAD E . 7.73 -15.26 0.64
C10 FAD E . 7.44 -15.72 1.90
C1' FAD E . 9.11 -14.92 0.26
C2' FAD E . 9.47 -13.54 0.70
O2' FAD E . 8.31 -12.92 1.17
C3' FAD E . 9.95 -12.65 -0.44
O3' FAD E . 10.57 -13.44 -1.40
C4' FAD E . 10.93 -11.67 0.15
O4' FAD E . 10.23 -10.99 1.18
C5' FAD E . 11.46 -10.67 -0.84
O5' FAD E . 11.99 -9.57 -0.07
P FAD E . 13.33 -8.90 -0.57
O1P FAD E . 13.83 -7.88 0.38
O2P FAD E . 14.25 -10.00 -0.94
O3P FAD E . 12.84 -8.16 -1.88
FE1 FES F . -3.80 -3.57 -7.64
FE2 FES F . -1.43 -4.31 -5.74
S1 FES F . -1.66 -4.17 -7.96
S2 FES F . -3.39 -3.28 -5.46
FE1 SF4 G . -8.32 4.43 2.77
FE2 SF4 G . -6.73 2.48 3.86
FE3 SF4 G . -9.24 1.86 2.96
FE4 SF4 G . -7.25 2.48 1.18
S1 SF4 G . -7.32 0.69 2.59
S2 SF4 G . -9.40 3.24 1.15
S3 SF4 G . -6.11 4.07 2.34
S4 SF4 G . -8.71 3.26 4.68
FE1 F3S H . -15.23 12.81 7.78
FE3 F3S H . -14.68 13.20 5.27
FE4 F3S H . -15.23 10.81 6.11
S1 F3S H . -15.94 14.57 6.55
S2 F3S H . -16.79 11.16 7.71
S3 F3S H . -13.42 12.01 6.70
S4 F3S H . -15.95 11.69 4.16
C27 PEE I . -34.28 22.15 14.94
C26 PEE I . -33.17 23.20 14.94
C25 PEE I . -33.72 24.54 14.49
C24 PEE I . -34.28 24.45 13.06
C23 PEE I . -33.23 24.90 12.04
C22 PEE I . -32.64 26.29 12.37
C21 PEE I . -33.38 27.43 11.64
C20 PEE I . -33.49 28.69 12.52
C19 PEE I . -34.51 29.69 11.95
C18 PEE I . -35.78 29.72 12.35
C17 PEE I . -36.35 28.79 13.43
C16 PEE I . -37.49 29.47 14.21
C15 PEE I . -38.87 29.00 13.77
C14 PEE I . -39.48 27.95 14.71
C13 PEE I . -40.94 28.27 15.10
C12 PEE I . -41.74 27.01 15.53
C11 PEE I . -41.92 26.04 14.36
C10 PEE I . -43.37 25.59 14.06
O4 PEE I . -43.54 24.76 13.25
O2 PEE I . -44.52 26.18 14.69
C2 PEE I . -45.75 25.81 14.12
C1 PEE I . -46.85 25.73 15.19
O3P PEE I . -48.08 26.26 14.69
P PEE I . -49.43 26.37 15.67
O2P PEE I . -49.03 26.96 17.00
O1P PEE I . -50.45 27.26 15.03
O4P PEE I . -50.12 24.90 15.93
C4 PEE I . -49.83 24.24 17.14
C5 PEE I . -50.52 22.87 17.12
N PEE I . -50.15 22.10 18.31
C3 PEE I . -46.12 26.83 13.04
O3 PEE I . -45.45 26.45 11.84
C30 PEE I . -44.36 27.29 11.49
O5 PEE I . -44.10 28.22 12.17
C31 PEE I . -43.47 26.97 10.27
C32 PEE I . -42.01 26.65 10.68
C33 PEE I . -41.00 26.96 9.56
C34 PEE I . -39.86 27.86 10.06
C35 PEE I . -39.14 28.56 8.89
C36 PEE I . -37.71 28.99 9.27
C37 PEE I . -37.28 30.34 8.66
C38 PEE I . -37.92 31.50 9.40
C39 PEE I . -37.35 32.68 9.45
C40 PEE I . -38.05 33.79 10.21
#